data_7RCY
#
_entry.id   7RCY
#
_cell.length_a   64.700
_cell.length_b   196.390
_cell.length_c   70.970
_cell.angle_alpha   90.000
_cell.angle_beta   105.660
_cell.angle_gamma   90.000
#
_symmetry.space_group_name_H-M   'P 1 21 1'
#
loop_
_entity.id
_entity.type
_entity.pdbx_description
1 polymer 'Penicillin-binding protein'
2 non-polymer '(2R)-2-[(1R)-1-{[(2Z)-2-(5-amino-1,2,4-thiadiazol-3-yl)-2-(hydroxyimino)acetyl]amino}-2-oxoethyl]-5-({2-oxo-1-[(3R)-pyr rolidin-3-yl]-2,5-dihydro-1H-pyrrol-3-yl}methyl)-3,6-dihydro-2H-1,3-thiazine-4-carboxylic acid'
3 non-polymer 'ZINC ION'
4 water water
#
_entity_poly.entity_id   1
_entity_poly.type   'polypeptide(L)'
_entity_poly.pdbx_seq_one_letter_code
;YEYYNELAENKTYKKLAIEAPRGEIKDRYGRLLAGNKNLFTVQVSGNDINKKDANKHSRANEISLKLINLLERNGEEYVD
EFPIYVENGKYYYTYDRDIREYKSENGIPNDYNAKESFYYLVDKLISAGILSQEDKRLDATRLQAKLNENGYYPPILVSK
WMFTAERDKRDWLASYKIKETKLSAKEAFEKVRNSDALEIDKSLSDEDARKIMVVRDLIKSKGYSQYNPVTIAKDVGETT
IAQIEESAMDLVGVSIAVEPVRYYPNGSLASHMLGYVGKMPSTQIESYLQKGYETGDMVGLAGVEKSNESRLRGTDGYKM
VKVDALGRISKEIESKKPKSGDTVYLTLDKDLQEVSDNALKQIIEVASKGGTFKSKFGDKPISAYAGKAQSAALIAIDVK
NGEVLASSSYPNYDPNKFAKGISTEDYKALQPKNPNDLLAGSPLLNLVTQGEFQPGSSFKMLTSMAALENGLDPNFTIND
PGVIMLGKKSFGDYVWNHGRGNHGMTNLYKAIQESCNIYMATIGTGKTWPDGKSIGIDMNANKILEYAKLFGLDQNTGLQ
DEVEERAGKVPSTEDKLKSTQALLKSNLEREMANDFVDITREKNPKEYEKRINEIVSWAAEKKTPGRVETMNRLKKMNVK
EDRIEEVADLAVFSYFNFAKWSTADTFNLAIGQGENAYTPAQISRYVAAIANGGNLVELSVVDRAVSSDYSSVKINDQKK
VEKIPFKNPDNLKELTKGMKLVARQGTAKSAFADFPIDVAAKTGTAEKSGKIPTDNEYEYLKSHMSSYNVNLNDAIKLAD
KMKAEKEKELSLAKEKEIKKKLENKDLKDEERKKLEEELEDGVKVRLEDTDKVNSSYLRKAIKELNPKITDDQIDRFKQD
YGSFTWTVAFAPADDPEIAVVCVIPQGDSSVFSLLPTREVIGTYMGL
;
_entity_poly.pdbx_strand_id   A
#
# COMPACT_ATOMS: atom_id res chain seq x y z
N LYS A 15 40.44 14.59 -0.16
CA LYS A 15 39.85 13.24 -0.46
C LYS A 15 38.36 13.39 -0.84
N LEU A 16 37.99 12.95 -2.04
CA LEU A 16 36.63 13.14 -2.63
C LEU A 16 36.01 11.79 -3.03
N ALA A 17 34.77 11.53 -2.58
CA ALA A 17 34.02 10.28 -2.84
C ALA A 17 33.65 10.18 -4.33
N ILE A 18 33.76 8.98 -4.91
CA ILE A 18 33.18 8.63 -6.24
C ILE A 18 32.04 7.62 -6.01
N GLU A 19 30.88 7.87 -6.60
CA GLU A 19 29.69 6.98 -6.50
C GLU A 19 29.84 5.84 -7.51
N ALA A 20 29.73 4.60 -7.04
CA ALA A 20 29.85 3.37 -7.85
C ALA A 20 28.65 3.21 -8.78
N PRO A 21 28.79 2.56 -9.96
CA PRO A 21 27.64 2.25 -10.81
C PRO A 21 26.64 1.37 -10.05
N ARG A 22 25.36 1.74 -10.01
CA ARG A 22 24.35 0.97 -9.24
C ARG A 22 24.25 -0.43 -9.85
N GLY A 23 24.15 -1.45 -9.01
CA GLY A 23 23.99 -2.85 -9.46
C GLY A 23 22.72 -3.04 -10.27
N GLU A 24 22.61 -4.19 -10.92
CA GLU A 24 21.45 -4.55 -11.78
C GLU A 24 20.58 -5.58 -11.06
N ILE A 25 19.28 -5.50 -11.28
CA ILE A 25 18.27 -6.51 -10.84
C ILE A 25 17.83 -7.29 -12.09
N LYS A 26 17.96 -8.62 -12.06
CA LYS A 26 17.65 -9.52 -13.22
C LYS A 26 16.68 -10.64 -12.80
N ASP A 27 16.06 -11.31 -13.77
CA ASP A 27 15.13 -12.45 -13.52
C ASP A 27 15.98 -13.67 -13.19
N ARG A 28 15.35 -14.82 -12.92
CA ARG A 28 16.08 -16.04 -12.47
C ARG A 28 17.05 -16.51 -13.56
N TYR A 29 16.85 -16.04 -14.79
CA TYR A 29 17.53 -16.52 -16.03
C TYR A 29 18.49 -15.47 -16.58
N GLY A 30 18.42 -14.24 -16.09
CA GLY A 30 19.41 -13.20 -16.42
C GLY A 30 18.84 -12.08 -17.25
N ARG A 31 17.54 -12.11 -17.58
CA ARG A 31 16.87 -10.98 -18.30
C ARG A 31 17.03 -9.74 -17.42
N LEU A 32 17.35 -8.60 -18.00
CA LEU A 32 17.44 -7.33 -17.23
C LEU A 32 16.03 -6.89 -16.83
N LEU A 33 15.91 -6.40 -15.60
CA LEU A 33 14.65 -5.78 -15.09
C LEU A 33 14.97 -4.35 -14.63
N ALA A 34 16.08 -4.15 -13.93
CA ALA A 34 16.60 -2.84 -13.49
C ALA A 34 18.06 -2.69 -13.95
N GLY A 35 18.39 -1.54 -14.53
CA GLY A 35 19.67 -1.28 -15.20
C GLY A 35 19.97 0.20 -15.23
N ASN A 36 21.09 0.57 -15.84
CA ASN A 36 21.57 1.98 -15.88
C ASN A 36 21.77 2.41 -17.34
N LYS A 37 21.70 3.72 -17.57
CA LYS A 37 21.80 4.37 -18.90
C LYS A 37 22.33 5.79 -18.67
N ASN A 38 23.21 6.27 -19.55
CA ASN A 38 23.90 7.58 -19.35
C ASN A 38 23.07 8.71 -20.02
N LEU A 39 22.95 9.84 -19.33
CA LEU A 39 22.36 11.08 -19.88
C LEU A 39 23.42 12.18 -19.91
N PHE A 40 23.10 13.31 -20.55
CA PHE A 40 23.97 14.51 -20.65
C PHE A 40 23.38 15.56 -19.71
N THR A 41 24.21 16.01 -18.77
CA THR A 41 23.81 16.92 -17.66
C THR A 41 24.58 18.23 -17.78
N VAL A 42 23.98 19.32 -17.33
CA VAL A 42 24.65 20.63 -17.16
C VAL A 42 25.05 20.74 -15.69
N GLN A 43 26.33 21.05 -15.43
CA GLN A 43 26.88 21.22 -14.06
C GLN A 43 27.55 22.60 -13.92
N VAL A 44 27.35 23.22 -12.75
CA VAL A 44 27.87 24.57 -12.36
C VAL A 44 28.77 24.41 -11.13
N SER A 45 30.03 24.86 -11.17
CA SER A 45 31.02 24.80 -10.06
C SER A 45 30.97 26.10 -9.23
N GLY A 46 30.27 26.06 -8.09
CA GLY A 46 29.95 27.22 -7.22
C GLY A 46 31.16 28.03 -6.81
N ASN A 47 32.33 27.39 -6.63
CA ASN A 47 33.64 28.06 -6.41
C ASN A 47 33.93 29.07 -7.53
N ASP A 48 33.94 28.60 -8.78
CA ASP A 48 34.48 29.32 -9.96
C ASP A 48 33.59 30.51 -10.31
N ILE A 49 32.27 30.34 -10.36
CA ILE A 49 31.33 31.47 -10.66
C ILE A 49 31.35 32.53 -9.56
N ASN A 50 31.61 32.12 -8.31
CA ASN A 50 31.62 33.09 -7.19
C ASN A 50 33.05 33.57 -6.94
N LYS A 51 33.97 33.22 -7.83
CA LYS A 51 35.39 33.63 -7.66
C LYS A 51 35.45 35.15 -7.75
N LYS A 52 36.22 35.79 -6.87
CA LYS A 52 36.35 37.27 -6.92
C LYS A 52 37.81 37.66 -6.70
N ASP A 53 38.25 38.76 -7.30
CA ASP A 53 39.65 39.23 -7.12
C ASP A 53 39.69 40.76 -7.24
N ALA A 54 39.83 41.26 -8.46
CA ALA A 54 39.90 42.72 -8.69
C ALA A 54 38.47 43.27 -8.84
N ASN A 55 37.55 42.50 -9.44
CA ASN A 55 36.16 42.94 -9.66
C ASN A 55 35.49 43.11 -8.31
N LYS A 56 34.51 44.00 -8.23
CA LYS A 56 33.74 44.27 -6.99
C LYS A 56 32.68 43.18 -6.84
N HIS A 57 32.19 42.62 -7.94
CA HIS A 57 31.04 41.68 -7.96
C HIS A 57 31.38 40.44 -8.79
N SER A 58 30.99 39.26 -8.29
CA SER A 58 31.13 37.94 -8.95
C SER A 58 30.37 37.93 -10.28
N ARG A 59 30.85 37.18 -11.26
CA ARG A 59 30.12 36.98 -12.55
C ARG A 59 29.01 35.93 -12.37
N ALA A 60 28.75 35.54 -11.11
CA ALA A 60 27.85 34.44 -10.71
C ALA A 60 26.43 34.73 -11.19
N ASN A 61 25.89 35.88 -10.77
CA ASN A 61 24.48 36.27 -11.05
C ASN A 61 24.26 36.29 -12.57
N GLU A 62 25.21 36.83 -13.34
CA GLU A 62 25.07 36.99 -14.82
C GLU A 62 25.02 35.63 -15.51
N ILE A 63 25.91 34.72 -15.10
CA ILE A 63 26.06 33.34 -15.66
C ILE A 63 24.76 32.57 -15.39
N SER A 64 24.26 32.62 -14.15
CA SER A 64 22.98 32.02 -13.72
C SER A 64 21.87 32.42 -14.70
N LEU A 65 21.70 33.74 -14.93
CA LEU A 65 20.70 34.33 -15.86
C LEU A 65 20.98 33.83 -17.29
N LYS A 66 22.22 33.99 -17.74
CA LYS A 66 22.66 33.61 -19.11
C LYS A 66 22.26 32.16 -19.34
N LEU A 67 22.81 31.28 -18.49
CA LEU A 67 22.61 29.80 -18.49
C LEU A 67 21.12 29.48 -18.68
N ILE A 68 20.29 29.82 -17.70
CA ILE A 68 18.81 29.62 -17.72
C ILE A 68 18.25 30.07 -19.07
N ASN A 69 18.41 31.35 -19.41
CA ASN A 69 17.84 31.96 -20.65
C ASN A 69 18.23 31.10 -21.85
N LEU A 70 19.40 30.45 -21.81
CA LEU A 70 19.87 29.46 -22.82
C LEU A 70 18.93 28.25 -22.83
N LEU A 71 18.71 27.66 -21.66
CA LEU A 71 17.90 26.42 -21.48
C LEU A 71 16.45 26.69 -21.90
N GLU A 72 15.82 27.73 -21.33
CA GLU A 72 14.43 28.16 -21.62
C GLU A 72 14.25 28.47 -23.12
N ARG A 73 15.33 28.87 -23.82
CA ARG A 73 15.37 29.01 -25.31
C ARG A 73 15.35 27.61 -25.95
N ASN A 74 16.07 26.65 -25.40
CA ASN A 74 16.13 25.25 -25.92
C ASN A 74 14.94 24.42 -25.38
N GLY A 75 14.06 25.05 -24.58
CA GLY A 75 12.86 24.43 -23.97
C GLY A 75 13.20 23.35 -22.95
N GLU A 76 14.43 23.39 -22.41
CA GLU A 76 15.08 22.31 -21.61
C GLU A 76 14.61 22.40 -20.16
N GLU A 77 14.27 21.27 -19.53
CA GLU A 77 13.84 21.26 -18.10
C GLU A 77 15.08 21.34 -17.22
N TYR A 78 15.02 22.20 -16.19
CA TYR A 78 16.14 22.47 -15.27
C TYR A 78 15.70 22.16 -13.84
N VAL A 79 16.68 21.94 -12.97
CA VAL A 79 16.48 21.75 -11.51
C VAL A 79 15.96 23.08 -10.95
N ASP A 80 14.74 23.07 -10.43
CA ASP A 80 14.19 24.21 -9.65
C ASP A 80 13.75 23.64 -8.31
N GLU A 81 14.52 23.91 -7.27
CA GLU A 81 14.19 23.53 -5.87
C GLU A 81 14.04 24.80 -5.02
N PHE A 82 14.03 25.98 -5.66
CA PHE A 82 13.94 27.30 -4.97
C PHE A 82 12.58 27.41 -4.31
N PRO A 83 12.50 27.52 -2.96
CA PRO A 83 11.27 27.21 -2.25
C PRO A 83 10.34 28.42 -2.10
N ILE A 84 10.35 29.34 -3.08
CA ILE A 84 9.33 30.41 -3.26
C ILE A 84 9.01 30.53 -4.77
N TYR A 85 7.73 30.35 -5.10
CA TYR A 85 7.16 30.35 -6.48
C TYR A 85 6.06 31.40 -6.53
N VAL A 86 5.78 31.94 -7.73
CA VAL A 86 4.72 32.96 -7.97
C VAL A 86 3.64 32.35 -8.89
N GLU A 87 2.48 32.01 -8.31
CA GLU A 87 1.28 31.52 -9.04
C GLU A 87 0.43 32.74 -9.45
N ASN A 88 0.55 33.18 -10.71
CA ASN A 88 -0.15 34.35 -11.30
C ASN A 88 0.04 35.59 -10.40
N GLY A 89 1.29 36.04 -10.29
CA GLY A 89 1.68 37.28 -9.58
C GLY A 89 1.34 37.26 -8.09
N LYS A 90 1.34 36.10 -7.43
CA LYS A 90 1.12 35.95 -5.97
C LYS A 90 2.24 35.09 -5.37
N TYR A 91 3.04 35.65 -4.46
CA TYR A 91 4.23 34.96 -3.87
C TYR A 91 3.75 33.98 -2.79
N TYR A 92 4.29 32.75 -2.84
CA TYR A 92 3.95 31.61 -1.96
C TYR A 92 5.17 30.74 -1.67
N TYR A 93 5.29 30.23 -0.44
CA TYR A 93 6.24 29.17 -0.02
C TYR A 93 5.85 27.83 -0.66
N THR A 94 6.80 27.10 -1.26
CA THR A 94 6.65 25.68 -1.70
C THR A 94 6.48 24.77 -0.48
N TYR A 95 7.23 25.01 0.60
CA TYR A 95 7.06 24.34 1.91
C TYR A 95 5.56 24.26 2.25
N ASP A 96 4.92 25.43 2.29
CA ASP A 96 3.49 25.60 2.69
C ASP A 96 2.61 24.77 1.75
N ARG A 97 2.95 24.75 0.47
CA ARG A 97 2.17 24.03 -0.57
C ARG A 97 2.26 22.52 -0.38
N ASP A 98 3.45 21.99 -0.08
CA ASP A 98 3.74 20.53 0.03
C ASP A 98 2.97 19.95 1.22
N ILE A 99 2.90 20.69 2.33
CA ILE A 99 2.16 20.27 3.56
C ILE A 99 0.72 19.94 3.17
N ARG A 100 0.01 20.92 2.59
CA ARG A 100 -1.44 20.81 2.28
C ARG A 100 -1.62 19.83 1.13
N GLU A 101 -0.67 19.80 0.17
CA GLU A 101 -0.69 18.81 -0.93
C GLU A 101 -0.65 17.41 -0.30
N TYR A 102 0.21 17.17 0.68
CA TYR A 102 0.25 15.87 1.40
C TYR A 102 -1.11 15.55 2.03
N LYS A 103 -1.73 16.53 2.69
CA LYS A 103 -2.99 16.31 3.44
C LYS A 103 -4.11 15.93 2.46
N SER A 104 -4.23 16.70 1.37
CA SER A 104 -5.24 16.48 0.31
C SER A 104 -4.91 15.17 -0.44
N GLU A 105 -3.65 14.74 -0.40
CA GLU A 105 -3.15 13.48 -1.03
C GLU A 105 -3.95 12.27 -0.54
N ASN A 106 -4.33 12.27 0.74
CA ASN A 106 -5.02 11.14 1.44
C ASN A 106 -6.21 11.68 2.25
N GLY A 107 -6.92 12.67 1.72
CA GLY A 107 -8.14 13.25 2.32
C GLY A 107 -7.97 13.53 3.81
N ILE A 108 -6.95 14.32 4.16
CA ILE A 108 -6.73 14.80 5.56
C ILE A 108 -7.25 16.23 5.66
N PRO A 109 -8.00 16.60 6.73
CA PRO A 109 -8.48 17.97 6.88
C PRO A 109 -7.30 18.94 6.92
N ASN A 110 -7.40 20.08 6.24
CA ASN A 110 -6.30 21.08 6.21
C ASN A 110 -6.00 21.57 7.64
N ASP A 111 -7.05 21.79 8.43
CA ASP A 111 -6.94 22.38 9.80
C ASP A 111 -6.14 21.45 10.73
N TYR A 112 -6.12 20.15 10.43
CA TYR A 112 -5.38 19.10 11.20
C TYR A 112 -3.90 19.46 11.27
N ASN A 113 -3.35 19.34 12.48
CA ASN A 113 -1.92 19.62 12.76
C ASN A 113 -1.08 18.38 12.40
N ALA A 114 0.23 18.47 12.63
CA ALA A 114 1.22 17.40 12.33
C ALA A 114 0.87 16.10 13.05
N LYS A 115 0.52 16.19 14.35
CA LYS A 115 0.26 15.02 15.22
C LYS A 115 -1.05 14.34 14.81
N GLU A 116 -2.08 15.11 14.46
CA GLU A 116 -3.41 14.54 14.11
C GLU A 116 -3.42 14.13 12.64
N SER A 117 -2.54 14.70 11.80
CA SER A 117 -2.34 14.31 10.37
C SER A 117 -1.63 12.95 10.25
N PHE A 118 -0.80 12.61 11.23
CA PHE A 118 -0.03 11.34 11.29
C PHE A 118 -0.97 10.21 11.70
N TYR A 119 -1.61 10.34 12.87
CA TYR A 119 -2.48 9.30 13.48
C TYR A 119 -3.75 9.12 12.66
N TYR A 120 -4.06 10.06 11.76
CA TYR A 120 -5.21 9.95 10.83
C TYR A 120 -4.84 8.94 9.72
N LEU A 121 -3.65 9.08 9.14
CA LEU A 121 -3.08 8.09 8.18
C LEU A 121 -3.10 6.70 8.83
N VAL A 122 -2.72 6.62 10.11
CA VAL A 122 -2.64 5.34 10.88
C VAL A 122 -4.02 4.70 10.91
N ASP A 123 -5.05 5.47 11.27
CA ASP A 123 -6.44 4.98 11.50
C ASP A 123 -7.01 4.46 10.17
N LYS A 124 -6.66 5.06 9.04
CA LYS A 124 -7.00 4.56 7.67
C LYS A 124 -6.40 3.17 7.43
N LEU A 125 -5.05 3.05 7.54
CA LEU A 125 -4.28 1.82 7.21
C LEU A 125 -4.74 0.73 8.17
N ILE A 126 -5.12 1.10 9.40
CA ILE A 126 -5.64 0.17 10.44
C ILE A 126 -7.03 -0.35 10.01
N SER A 127 -7.87 0.51 9.42
CA SER A 127 -9.18 0.13 8.83
C SER A 127 -8.98 -0.74 7.58
N ALA A 128 -7.86 -0.56 6.87
CA ALA A 128 -7.51 -1.29 5.62
C ALA A 128 -6.78 -2.62 5.93
N GLY A 129 -6.46 -2.85 7.20
CA GLY A 129 -5.84 -4.09 7.69
C GLY A 129 -4.32 -4.12 7.52
N ILE A 130 -3.72 -3.05 6.98
CA ILE A 130 -2.25 -2.91 6.77
C ILE A 130 -1.53 -2.86 8.13
N LEU A 131 -2.08 -2.12 9.11
CA LEU A 131 -1.65 -2.11 10.55
C LEU A 131 -2.82 -2.63 11.44
N SER A 132 -2.55 -2.99 12.70
CA SER A 132 -3.53 -3.55 13.66
C SER A 132 -3.92 -2.50 14.70
N GLN A 133 -4.92 -2.80 15.55
CA GLN A 133 -5.36 -1.85 16.60
C GLN A 133 -4.28 -1.75 17.69
N GLU A 134 -3.55 -2.85 17.93
CA GLU A 134 -2.45 -2.89 18.94
C GLU A 134 -1.27 -2.08 18.41
N ASP A 135 -1.22 -1.81 17.10
CA ASP A 135 -0.13 -1.02 16.47
C ASP A 135 -0.24 0.45 16.90
N LYS A 136 -1.46 0.95 17.18
CA LYS A 136 -1.73 2.38 17.52
C LYS A 136 -1.23 2.66 18.96
N ARG A 137 -1.57 1.79 19.91
CA ARG A 137 -1.06 1.88 21.30
C ARG A 137 0.40 1.43 21.26
N LEU A 138 1.28 2.27 20.72
CA LEU A 138 2.68 1.90 20.37
C LEU A 138 3.52 3.18 20.21
N ASP A 139 4.71 3.19 20.83
CA ASP A 139 5.71 4.29 20.72
C ASP A 139 5.73 4.79 19.27
N ALA A 140 5.77 6.10 19.08
CA ALA A 140 5.43 6.78 17.81
C ALA A 140 6.52 6.58 16.76
N THR A 141 7.78 6.41 17.18
CA THR A 141 8.93 6.11 16.27
C THR A 141 8.82 4.67 15.75
N ARG A 142 8.42 3.72 16.60
CA ARG A 142 8.18 2.30 16.20
C ARG A 142 6.99 2.25 15.24
N LEU A 143 6.03 3.16 15.41
CA LEU A 143 4.83 3.28 14.54
C LEU A 143 5.24 3.95 13.21
N GLN A 144 6.15 4.93 13.24
CA GLN A 144 6.70 5.58 12.02
C GLN A 144 7.54 4.54 11.25
N ALA A 145 8.23 3.66 12.00
CA ALA A 145 8.96 2.50 11.48
C ALA A 145 7.98 1.56 10.74
N LYS A 146 6.85 1.23 11.36
CA LYS A 146 5.84 0.30 10.76
C LYS A 146 5.26 0.93 9.49
N LEU A 147 4.92 2.21 9.55
CA LEU A 147 4.46 2.97 8.36
C LEU A 147 5.57 2.86 7.32
N ASN A 148 6.80 3.26 7.70
CA ASN A 148 7.98 3.29 6.80
C ASN A 148 8.18 1.90 6.16
N GLU A 149 8.10 0.83 6.96
CA GLU A 149 8.33 -0.60 6.53
C GLU A 149 7.30 -1.04 5.47
N ASN A 150 6.08 -0.50 5.52
CA ASN A 150 4.95 -0.83 4.61
C ASN A 150 4.94 0.12 3.38
N GLY A 151 5.88 1.07 3.30
CA GLY A 151 6.06 1.97 2.15
C GLY A 151 5.35 3.31 2.30
N TYR A 152 5.01 3.69 3.54
CA TYR A 152 4.37 4.99 3.91
C TYR A 152 5.45 5.87 4.54
N TYR A 153 5.57 7.11 4.05
CA TYR A 153 6.56 8.13 4.49
C TYR A 153 5.86 9.46 4.78
N PRO A 154 5.06 9.59 5.89
CA PRO A 154 4.51 10.88 6.30
C PRO A 154 5.63 11.84 6.71
N PRO A 155 5.67 13.07 6.13
CA PRO A 155 6.84 13.95 6.25
C PRO A 155 6.76 14.69 7.59
N ILE A 156 6.82 13.92 8.67
CA ILE A 156 6.41 14.36 10.03
C ILE A 156 7.44 13.84 11.04
N LEU A 157 8.12 14.75 11.74
CA LEU A 157 9.09 14.46 12.81
C LEU A 157 8.30 14.19 14.09
N VAL A 158 8.33 12.97 14.61
CA VAL A 158 7.46 12.52 15.74
C VAL A 158 7.96 13.11 17.07
N SER A 159 9.23 13.58 17.11
CA SER A 159 9.88 14.15 18.33
C SER A 159 9.14 15.42 18.79
N LYS A 160 9.10 16.46 17.95
CA LYS A 160 8.50 17.79 18.26
C LYS A 160 7.07 17.88 17.72
N TRP A 161 6.55 16.79 17.14
CA TRP A 161 5.25 16.67 16.42
C TRP A 161 5.06 17.79 15.41
N MET A 162 6.01 17.94 14.50
CA MET A 162 5.99 19.01 13.46
C MET A 162 6.36 18.42 12.11
N PHE A 163 6.06 19.16 11.03
CA PHE A 163 6.26 18.73 9.63
C PHE A 163 7.68 19.09 9.23
N THR A 164 8.35 18.24 8.43
CA THR A 164 9.70 18.51 7.85
C THR A 164 9.68 19.89 7.16
N ALA A 165 8.65 20.16 6.36
CA ALA A 165 8.54 21.41 5.55
C ALA A 165 8.66 22.65 6.46
N GLU A 166 8.23 22.56 7.72
CA GLU A 166 8.28 23.68 8.69
C GLU A 166 9.71 23.83 9.24
N ARG A 167 10.28 22.77 9.84
CA ARG A 167 11.72 22.72 10.26
C ARG A 167 12.57 23.19 9.08
N ASP A 168 12.26 22.69 7.87
CA ASP A 168 13.00 22.97 6.61
C ASP A 168 12.86 24.43 6.22
N LYS A 169 11.68 25.02 6.40
CA LYS A 169 11.42 26.46 6.13
C LYS A 169 12.23 27.29 7.16
N ARG A 170 12.02 27.04 8.45
CA ARG A 170 12.72 27.81 9.52
C ARG A 170 14.23 27.78 9.25
N ASP A 171 14.82 26.59 9.04
CA ASP A 171 16.28 26.40 8.79
C ASP A 171 16.70 27.04 7.46
N TRP A 172 15.84 27.03 6.43
CA TRP A 172 16.15 27.68 5.13
C TRP A 172 16.13 29.20 5.27
N LEU A 173 15.22 29.73 6.09
CA LEU A 173 15.16 31.19 6.36
C LEU A 173 16.35 31.58 7.23
N ALA A 174 16.72 30.74 8.20
CA ALA A 174 17.86 31.01 9.12
C ALA A 174 19.09 31.38 8.28
N SER A 175 19.31 30.66 7.18
CA SER A 175 20.31 31.05 6.15
C SER A 175 19.82 32.31 5.42
N TYR A 176 20.74 33.28 5.28
CA TYR A 176 20.54 34.71 4.87
C TYR A 176 20.19 35.56 6.10
N LYS A 177 20.43 35.02 7.30
CA LYS A 177 20.35 35.68 8.63
C LYS A 177 19.00 36.40 8.78
N ILE A 178 17.91 35.78 8.35
CA ILE A 178 16.52 36.31 8.51
C ILE A 178 15.99 35.80 9.86
N LYS A 179 16.47 36.38 10.97
CA LYS A 179 15.93 36.08 12.33
C LYS A 179 14.60 36.83 12.52
N GLU A 180 13.98 37.28 11.43
CA GLU A 180 12.73 38.07 11.40
C GLU A 180 11.55 37.15 11.74
N THR A 181 11.49 35.99 11.08
CA THR A 181 10.43 34.95 11.22
C THR A 181 9.04 35.56 10.91
N LYS A 182 9.00 36.85 10.58
CA LYS A 182 7.75 37.52 10.14
C LYS A 182 7.32 36.84 8.83
N LEU A 183 6.10 36.33 8.83
CA LEU A 183 5.56 35.50 7.73
C LEU A 183 5.15 36.40 6.55
N SER A 184 5.89 36.34 5.44
CA SER A 184 5.42 36.93 4.16
C SER A 184 6.27 36.41 3.00
N ALA A 185 5.66 35.64 2.11
CA ALA A 185 6.32 35.07 0.90
C ALA A 185 6.78 36.21 -0.02
N LYS A 186 5.95 37.25 -0.16
CA LYS A 186 6.29 38.42 -1.02
C LYS A 186 7.48 39.13 -0.37
N GLU A 187 7.44 39.34 0.95
CA GLU A 187 8.46 40.11 1.70
C GLU A 187 9.76 39.31 1.80
N ALA A 188 9.66 38.03 2.16
CA ALA A 188 10.83 37.11 2.29
C ALA A 188 11.64 37.11 0.98
N PHE A 189 10.97 37.09 -0.17
CA PHE A 189 11.57 37.06 -1.53
C PHE A 189 12.59 38.20 -1.67
N GLU A 190 12.31 39.35 -1.05
CA GLU A 190 13.15 40.58 -1.12
C GLU A 190 14.37 40.41 -0.19
N LYS A 191 14.13 40.19 1.11
CA LYS A 191 15.19 40.17 2.15
C LYS A 191 16.34 39.24 1.70
N VAL A 192 16.00 38.13 1.04
CA VAL A 192 16.99 37.17 0.46
C VAL A 192 17.66 37.83 -0.76
N ARG A 193 16.84 38.38 -1.67
CA ARG A 193 17.26 38.96 -2.98
C ARG A 193 18.44 39.93 -2.80
N ASN A 194 18.44 40.66 -1.68
CA ASN A 194 19.49 41.66 -1.34
C ASN A 194 20.12 41.30 0.01
N SER A 195 20.26 40.01 0.30
CA SER A 195 21.05 39.51 1.46
C SER A 195 22.54 39.62 1.10
N ASP A 196 23.37 39.97 2.09
CA ASP A 196 24.86 40.02 2.01
C ASP A 196 25.37 38.85 1.15
N ALA A 197 24.77 37.66 1.29
CA ALA A 197 25.18 36.39 0.63
C ALA A 197 24.85 36.40 -0.86
N LEU A 198 23.77 37.06 -1.28
CA LEU A 198 23.31 37.04 -2.70
C LEU A 198 23.76 38.29 -3.46
N GLU A 199 23.53 39.47 -2.88
CA GLU A 199 23.98 40.77 -3.45
C GLU A 199 23.48 40.89 -4.91
N ILE A 200 22.18 40.67 -5.14
CA ILE A 200 21.61 40.78 -6.52
C ILE A 200 21.35 42.27 -6.80
N ASP A 201 21.88 42.73 -7.94
CA ASP A 201 21.68 44.08 -8.54
C ASP A 201 20.18 44.40 -8.54
N LYS A 202 19.79 45.63 -8.16
CA LYS A 202 18.39 46.06 -7.96
C LYS A 202 17.74 46.52 -9.27
N SER A 203 18.51 46.69 -10.35
CA SER A 203 18.07 47.20 -11.68
C SER A 203 17.55 46.05 -12.56
N LEU A 204 17.07 44.97 -11.94
CA LEU A 204 16.60 43.74 -12.63
C LEU A 204 15.22 43.39 -12.06
N SER A 205 14.24 43.10 -12.93
CA SER A 205 12.84 42.75 -12.53
C SER A 205 12.84 41.41 -11.77
N ASP A 206 11.96 41.28 -10.77
CA ASP A 206 11.86 40.11 -9.86
C ASP A 206 11.51 38.82 -10.64
N GLU A 207 11.23 38.93 -11.95
CA GLU A 207 10.97 37.76 -12.84
C GLU A 207 12.29 37.20 -13.34
N ASP A 208 13.13 38.04 -13.94
CA ASP A 208 14.48 37.64 -14.42
C ASP A 208 15.44 37.58 -13.22
N ALA A 209 15.15 38.29 -12.13
CA ALA A 209 15.96 38.33 -10.90
C ALA A 209 15.79 37.04 -10.09
N ARG A 210 14.75 36.26 -10.39
CA ARG A 210 14.39 35.01 -9.68
C ARG A 210 15.07 33.82 -10.37
N LYS A 211 15.11 33.81 -11.70
CA LYS A 211 15.94 32.86 -12.50
C LYS A 211 17.34 32.80 -11.89
N ILE A 212 17.88 33.93 -11.41
CA ILE A 212 19.22 34.04 -10.73
C ILE A 212 19.24 33.11 -9.51
N MET A 213 18.22 33.24 -8.64
CA MET A 213 18.18 32.68 -7.26
C MET A 213 18.10 31.15 -7.33
N VAL A 214 17.36 30.61 -8.30
CA VAL A 214 17.25 29.15 -8.59
C VAL A 214 18.64 28.52 -8.56
N VAL A 215 19.59 29.10 -9.30
CA VAL A 215 20.96 28.53 -9.51
C VAL A 215 21.81 28.79 -8.26
N ARG A 216 21.80 30.01 -7.72
CA ARG A 216 22.63 30.42 -6.57
C ARG A 216 22.18 29.69 -5.30
N ASP A 217 20.87 29.65 -5.06
CA ASP A 217 20.26 29.05 -3.82
C ASP A 217 20.52 27.54 -3.77
N LEU A 218 20.42 26.90 -4.93
CA LEU A 218 20.70 25.44 -5.15
C LEU A 218 22.13 25.15 -4.73
N ILE A 219 23.09 25.82 -5.39
CA ILE A 219 24.56 25.73 -5.17
C ILE A 219 24.86 25.98 -3.68
N LYS A 220 24.20 26.97 -3.07
CA LYS A 220 24.41 27.37 -1.65
C LYS A 220 24.08 26.18 -0.72
N SER A 221 22.93 25.54 -0.98
CA SER A 221 22.31 24.50 -0.13
C SER A 221 23.14 23.20 -0.16
N LYS A 222 23.43 22.67 -1.35
CA LYS A 222 24.02 21.32 -1.52
C LYS A 222 25.29 21.22 -0.67
N GLY A 223 26.21 22.17 -0.86
CA GLY A 223 27.52 22.15 -0.17
C GLY A 223 27.74 23.45 0.57
N TYR A 224 27.97 23.39 1.88
CA TYR A 224 28.49 24.54 2.67
C TYR A 224 30.02 24.53 2.59
N SER A 225 30.65 23.41 2.98
CA SER A 225 32.10 23.16 2.77
C SER A 225 32.36 23.02 1.26
N GLN A 226 33.44 23.63 0.75
CA GLN A 226 33.78 23.55 -0.70
C GLN A 226 33.69 22.07 -1.10
N TYR A 227 33.03 21.77 -2.22
CA TYR A 227 32.87 20.37 -2.71
C TYR A 227 33.03 20.35 -4.23
N ASN A 228 32.39 19.38 -4.92
CA ASN A 228 32.39 19.25 -6.40
C ASN A 228 31.08 19.83 -6.97
N PRO A 229 30.98 19.92 -8.31
CA PRO A 229 29.90 20.64 -8.97
C PRO A 229 28.48 20.22 -8.58
N VAL A 230 27.50 21.09 -8.88
CA VAL A 230 26.05 20.87 -8.68
C VAL A 230 25.34 20.80 -10.04
N THR A 231 24.29 19.99 -10.16
CA THR A 231 23.54 19.78 -11.42
C THR A 231 22.29 20.68 -11.46
N ILE A 232 22.04 21.27 -12.64
CA ILE A 232 20.95 22.26 -12.92
C ILE A 232 20.08 21.76 -14.09
N ALA A 233 20.54 20.74 -14.85
CA ALA A 233 19.74 20.01 -15.84
C ALA A 233 20.21 18.55 -15.92
N LYS A 234 19.29 17.60 -15.83
CA LYS A 234 19.60 16.13 -15.74
C LYS A 234 19.56 15.49 -17.12
N ASP A 235 18.75 16.03 -18.04
CA ASP A 235 18.68 15.56 -19.45
C ASP A 235 18.60 16.77 -20.39
N VAL A 236 19.56 16.87 -21.33
CA VAL A 236 19.73 18.01 -22.25
C VAL A 236 20.22 17.49 -23.61
N GLY A 237 19.74 18.09 -24.70
CA GLY A 237 19.89 17.59 -26.09
C GLY A 237 21.03 18.26 -26.85
N GLU A 238 21.44 17.64 -27.98
CA GLU A 238 22.66 17.96 -28.79
C GLU A 238 22.85 19.47 -28.95
N THR A 239 21.76 20.22 -29.18
CA THR A 239 21.78 21.69 -29.38
C THR A 239 22.55 22.35 -28.22
N THR A 240 22.13 22.08 -26.98
CA THR A 240 22.58 22.82 -25.77
C THR A 240 23.87 22.19 -25.24
N ILE A 241 24.35 21.09 -25.82
CA ILE A 241 25.71 20.54 -25.52
C ILE A 241 26.74 21.44 -26.19
N ALA A 242 26.82 21.40 -27.54
CA ALA A 242 27.80 22.13 -28.38
C ALA A 242 27.69 23.64 -28.09
N GLN A 243 26.49 24.13 -27.79
CA GLN A 243 26.20 25.54 -27.42
C GLN A 243 27.00 25.93 -26.16
N ILE A 244 27.19 25.01 -25.20
CA ILE A 244 27.81 25.31 -23.86
C ILE A 244 29.28 24.89 -23.85
N GLU A 245 29.78 24.24 -24.91
CA GLU A 245 31.23 23.94 -25.07
C GLU A 245 31.92 25.12 -25.76
N GLU A 246 31.30 25.63 -26.83
CA GLU A 246 31.84 26.72 -27.67
C GLU A 246 31.84 28.03 -26.89
N SER A 247 30.84 28.25 -26.03
CA SER A 247 30.69 29.47 -25.18
C SER A 247 31.22 29.20 -23.76
N ALA A 248 32.18 28.28 -23.66
CA ALA A 248 32.83 27.81 -22.41
C ALA A 248 33.50 28.98 -21.68
N MET A 249 34.38 29.72 -22.37
CA MET A 249 35.12 30.86 -21.75
C MET A 249 34.12 31.91 -21.28
N ASP A 250 33.03 32.12 -22.03
CA ASP A 250 31.97 33.07 -21.62
C ASP A 250 31.36 32.58 -20.32
N LEU A 251 31.06 31.29 -20.19
CA LEU A 251 30.33 30.75 -19.00
C LEU A 251 31.25 29.87 -18.15
N VAL A 252 32.27 30.47 -17.51
CA VAL A 252 33.19 29.79 -16.56
C VAL A 252 32.34 29.18 -15.43
N GLY A 253 32.64 27.94 -15.04
CA GLY A 253 31.89 27.18 -14.02
C GLY A 253 30.93 26.20 -14.64
N VAL A 254 30.28 26.57 -15.74
CA VAL A 254 29.22 25.75 -16.40
C VAL A 254 29.87 24.79 -17.40
N SER A 255 29.66 23.49 -17.22
CA SER A 255 30.25 22.42 -18.06
C SER A 255 29.22 21.32 -18.33
N ILE A 256 29.61 20.34 -19.13
CA ILE A 256 28.76 19.17 -19.52
C ILE A 256 29.43 17.89 -18.99
N ALA A 257 28.79 17.25 -18.01
CA ALA A 257 29.14 15.92 -17.47
C ALA A 257 28.12 14.90 -17.97
N VAL A 258 28.40 13.62 -17.73
CA VAL A 258 27.40 12.51 -17.89
C VAL A 258 27.14 11.90 -16.51
N GLU A 259 25.87 11.71 -16.16
CA GLU A 259 25.39 11.11 -14.89
C GLU A 259 24.48 9.95 -15.25
N PRO A 260 24.71 8.71 -14.76
CA PRO A 260 23.81 7.58 -15.02
C PRO A 260 22.46 7.74 -14.32
N VAL A 261 21.44 7.06 -14.86
CA VAL A 261 20.02 7.12 -14.38
C VAL A 261 19.45 5.70 -14.42
N ARG A 262 18.45 5.45 -13.60
CA ARG A 262 17.79 4.12 -13.48
C ARG A 262 16.83 3.95 -14.66
N TYR A 263 16.82 2.76 -15.26
CA TYR A 263 15.86 2.42 -16.34
C TYR A 263 15.41 0.97 -16.15
N TYR A 264 14.14 0.72 -16.44
CA TYR A 264 13.48 -0.60 -16.33
C TYR A 264 12.89 -0.92 -17.69
N PRO A 265 13.60 -1.65 -18.57
CA PRO A 265 13.20 -1.81 -19.98
C PRO A 265 11.77 -2.37 -20.18
N ASN A 266 11.32 -3.24 -19.29
CA ASN A 266 9.94 -3.81 -19.33
C ASN A 266 8.94 -2.87 -18.63
N GLY A 267 9.35 -1.65 -18.29
CA GLY A 267 8.51 -0.68 -17.56
C GLY A 267 7.84 -1.31 -16.36
N SER A 268 6.49 -1.35 -16.37
CA SER A 268 5.61 -1.65 -15.20
C SER A 268 5.72 -3.13 -14.76
N LEU A 269 6.49 -3.96 -15.47
CA LEU A 269 6.68 -5.41 -15.14
C LEU A 269 7.27 -5.57 -13.74
N ALA A 270 6.59 -6.38 -12.90
CA ALA A 270 6.99 -6.70 -11.51
C ALA A 270 7.27 -5.41 -10.75
N SER A 271 6.51 -4.37 -11.04
CA SER A 271 6.72 -3.01 -10.49
C SER A 271 6.96 -3.14 -9.00
N HIS A 272 6.05 -3.82 -8.28
CA HIS A 272 6.01 -3.82 -6.79
C HIS A 272 7.20 -4.61 -6.21
N MET A 273 7.51 -5.80 -6.73
CA MET A 273 8.69 -6.59 -6.31
C MET A 273 9.98 -5.79 -6.56
N LEU A 274 10.08 -5.13 -7.71
CA LEU A 274 11.29 -4.37 -8.10
C LEU A 274 11.43 -3.13 -7.22
N GLY A 275 10.34 -2.38 -7.06
CA GLY A 275 10.35 -1.11 -6.31
C GLY A 275 10.68 0.05 -7.21
N TYR A 276 11.28 1.12 -6.66
CA TYR A 276 11.77 2.30 -7.41
C TYR A 276 12.89 2.98 -6.63
N VAL A 277 13.79 3.68 -7.32
CA VAL A 277 14.69 4.68 -6.67
C VAL A 277 14.03 6.05 -6.78
N GLY A 278 14.45 7.00 -5.95
CA GLY A 278 13.97 8.41 -5.92
C GLY A 278 14.67 9.24 -4.86
N LYS A 279 14.19 10.46 -4.61
CA LYS A 279 14.76 11.39 -3.60
C LYS A 279 14.86 10.66 -2.25
N MET A 280 15.87 11.01 -1.45
CA MET A 280 15.99 10.49 -0.07
C MET A 280 14.79 11.05 0.69
N PRO A 281 14.07 10.25 1.50
CA PRO A 281 12.87 10.73 2.17
C PRO A 281 13.27 11.77 3.23
N SER A 282 12.64 12.94 3.16
CA SER A 282 12.90 14.16 3.99
C SER A 282 13.05 13.80 5.47
N THR A 283 12.26 12.84 5.95
CA THR A 283 12.09 12.55 7.39
C THR A 283 13.29 11.73 7.93
N GLN A 284 14.27 11.36 7.09
CA GLN A 284 15.50 10.68 7.56
C GLN A 284 16.70 11.03 6.64
N ILE A 285 16.90 12.31 6.32
CA ILE A 285 18.06 12.79 5.51
C ILE A 285 19.35 12.65 6.32
N GLU A 286 19.28 12.91 7.64
CA GLU A 286 20.45 12.83 8.56
C GLU A 286 20.94 11.37 8.65
N SER A 287 20.00 10.44 8.79
CA SER A 287 20.21 8.96 8.69
C SER A 287 21.17 8.69 7.51
N TYR A 288 20.84 9.21 6.32
CA TYR A 288 21.49 8.87 5.03
C TYR A 288 22.83 9.60 4.90
N LEU A 289 22.98 10.75 5.57
CA LEU A 289 24.22 11.57 5.45
C LEU A 289 25.32 10.96 6.32
N GLN A 290 24.97 10.45 7.51
CA GLN A 290 25.91 9.70 8.39
C GLN A 290 26.22 8.33 7.78
N LYS A 291 25.34 7.82 6.91
CA LYS A 291 25.54 6.53 6.21
C LYS A 291 26.53 6.72 5.05
N GLY A 292 26.86 7.97 4.72
CA GLY A 292 27.90 8.32 3.73
C GLY A 292 27.29 8.64 2.36
N TYR A 293 26.09 9.21 2.34
CA TYR A 293 25.36 9.57 1.10
C TYR A 293 25.57 11.06 0.85
N GLU A 294 25.54 11.48 -0.42
CA GLU A 294 25.49 12.91 -0.84
C GLU A 294 24.03 13.35 -0.77
N THR A 295 23.77 14.65 -0.97
CA THR A 295 22.39 15.23 -0.97
C THR A 295 21.77 14.94 -2.34
N GLY A 296 22.51 15.19 -3.43
CA GLY A 296 22.04 14.95 -4.80
C GLY A 296 22.07 13.47 -5.12
N ASP A 297 21.34 12.65 -4.35
CA ASP A 297 21.50 11.16 -4.37
C ASP A 297 20.14 10.46 -4.35
N MET A 298 20.04 9.44 -5.21
CA MET A 298 18.84 8.60 -5.43
C MET A 298 19.01 7.31 -4.62
N VAL A 299 17.95 6.86 -3.97
CA VAL A 299 17.99 5.67 -3.08
C VAL A 299 16.73 4.83 -3.36
N GLY A 300 16.85 3.52 -3.39
CA GLY A 300 15.65 2.65 -3.45
C GLY A 300 14.69 2.99 -2.32
N LEU A 301 13.41 3.19 -2.63
CA LEU A 301 12.38 3.56 -1.61
C LEU A 301 11.29 2.48 -1.50
N ALA A 302 11.35 1.44 -2.33
CA ALA A 302 10.38 0.32 -2.31
C ALA A 302 11.00 -0.95 -2.87
N GLY A 303 10.37 -2.09 -2.60
CA GLY A 303 10.80 -3.39 -3.13
C GLY A 303 12.29 -3.66 -2.96
N VAL A 304 12.85 -4.44 -3.88
CA VAL A 304 14.24 -4.97 -3.81
C VAL A 304 15.21 -3.80 -3.94
N GLU A 305 14.74 -2.68 -4.45
CA GLU A 305 15.64 -1.54 -4.74
C GLU A 305 16.10 -1.01 -3.39
N LYS A 306 15.22 -1.10 -2.40
CA LYS A 306 15.45 -0.61 -1.00
C LYS A 306 16.05 -1.75 -0.17
N SER A 307 15.38 -2.90 -0.20
CA SER A 307 15.82 -4.20 0.37
C SER A 307 17.33 -4.42 0.21
N ASN A 308 17.84 -4.22 -1.01
CA ASN A 308 19.26 -4.42 -1.36
C ASN A 308 19.94 -3.07 -1.69
N GLU A 309 19.44 -1.96 -1.14
CA GLU A 309 20.06 -0.63 -1.35
C GLU A 309 21.58 -0.77 -1.16
N SER A 310 22.03 -1.29 -0.01
CA SER A 310 23.47 -1.32 0.32
C SER A 310 24.25 -2.19 -0.68
N ARG A 311 23.64 -3.29 -1.10
CA ARG A 311 24.24 -4.27 -2.01
C ARG A 311 24.36 -3.66 -3.41
N LEU A 312 23.32 -3.00 -3.89
CA LEU A 312 23.24 -2.48 -5.29
C LEU A 312 24.01 -1.16 -5.38
N ARG A 313 24.05 -0.40 -4.28
CA ARG A 313 24.79 0.88 -4.19
C ARG A 313 26.27 0.65 -4.52
N GLY A 314 26.80 -0.53 -4.21
CA GLY A 314 28.21 -0.86 -4.49
C GLY A 314 29.17 -0.19 -3.51
N THR A 315 30.42 0.00 -3.91
CA THR A 315 31.55 0.44 -3.06
C THR A 315 32.16 1.74 -3.57
N ASP A 316 32.09 2.78 -2.75
CA ASP A 316 32.57 4.14 -3.12
C ASP A 316 34.09 4.03 -3.31
N GLY A 317 34.64 4.75 -4.28
CA GLY A 317 36.09 4.91 -4.48
C GLY A 317 36.42 6.39 -4.46
N TYR A 318 37.43 6.82 -3.70
CA TYR A 318 37.81 8.26 -3.62
C TYR A 318 38.68 8.65 -4.82
N LYS A 319 38.69 9.97 -5.05
CA LYS A 319 39.54 10.75 -5.99
C LYS A 319 40.25 11.80 -5.14
N MET A 320 41.56 12.01 -5.33
CA MET A 320 42.33 12.86 -4.38
C MET A 320 42.09 14.35 -4.63
N VAL A 321 42.03 15.12 -3.54
CA VAL A 321 41.96 16.62 -3.55
C VAL A 321 42.69 17.15 -2.31
N GLU A 332 42.75 17.00 -11.84
CA GLU A 332 42.25 15.86 -11.02
C GLU A 332 43.28 14.74 -11.01
N ILE A 333 43.30 13.98 -9.92
CA ILE A 333 44.18 12.79 -9.70
C ILE A 333 43.30 11.62 -9.21
N GLU A 334 43.01 10.66 -10.10
CA GLU A 334 42.05 9.53 -9.88
C GLU A 334 42.74 8.39 -9.12
N SER A 335 42.44 8.23 -7.83
CA SER A 335 43.20 7.37 -6.87
C SER A 335 42.59 5.96 -6.80
N LYS A 336 41.42 5.82 -6.19
CA LYS A 336 40.72 4.52 -6.00
C LYS A 336 39.47 4.49 -6.89
N LYS A 337 39.44 3.55 -7.85
CA LYS A 337 38.27 3.34 -8.75
C LYS A 337 37.16 2.64 -7.97
N PRO A 338 35.88 3.02 -8.17
CA PRO A 338 34.77 2.38 -7.47
C PRO A 338 34.54 0.92 -7.91
N LYS A 339 33.68 0.22 -7.16
CA LYS A 339 33.24 -1.16 -7.48
C LYS A 339 31.71 -1.21 -7.61
N SER A 340 31.23 -1.71 -8.75
CA SER A 340 29.80 -1.72 -9.13
C SER A 340 29.06 -2.62 -8.16
N GLY A 341 27.79 -2.30 -7.86
CA GLY A 341 26.89 -3.11 -7.01
C GLY A 341 26.68 -4.51 -7.55
N ASP A 342 26.89 -5.54 -6.73
CA ASP A 342 26.45 -6.92 -7.04
C ASP A 342 25.17 -6.87 -7.87
N THR A 343 25.11 -7.70 -8.90
CA THR A 343 23.87 -7.95 -9.67
C THR A 343 22.99 -8.85 -8.82
N VAL A 344 21.74 -8.45 -8.58
CA VAL A 344 20.77 -9.24 -7.78
C VAL A 344 19.78 -9.93 -8.71
N TYR A 345 19.77 -11.26 -8.70
CA TYR A 345 18.85 -12.11 -9.49
C TYR A 345 17.59 -12.37 -8.65
N LEU A 346 16.43 -12.05 -9.20
CA LEU A 346 15.15 -12.40 -8.55
C LEU A 346 14.84 -13.85 -8.89
N THR A 347 13.80 -14.39 -8.23
CA THR A 347 13.23 -15.74 -8.46
C THR A 347 12.16 -15.64 -9.55
N LEU A 348 11.67 -14.45 -9.82
CA LEU A 348 10.67 -14.20 -10.88
C LEU A 348 11.21 -14.75 -12.21
N ASP A 349 10.38 -15.54 -12.92
CA ASP A 349 10.48 -15.80 -14.38
C ASP A 349 9.79 -14.67 -15.16
N LYS A 350 10.55 -13.90 -15.94
CA LYS A 350 10.03 -12.76 -16.75
C LYS A 350 8.88 -13.26 -17.62
N ASP A 351 9.13 -14.35 -18.34
CA ASP A 351 8.16 -14.97 -19.27
C ASP A 351 6.80 -15.12 -18.55
N LEU A 352 6.81 -15.66 -17.32
CA LEU A 352 5.58 -15.97 -16.52
C LEU A 352 5.03 -14.68 -15.92
N GLN A 353 5.90 -13.83 -15.38
CA GLN A 353 5.51 -12.53 -14.78
C GLN A 353 4.74 -11.75 -15.83
N GLU A 354 5.24 -11.76 -17.07
CA GLU A 354 4.65 -11.04 -18.24
C GLU A 354 3.20 -11.47 -18.41
N VAL A 355 2.96 -12.78 -18.51
CA VAL A 355 1.63 -13.45 -18.66
C VAL A 355 0.74 -13.03 -17.48
N SER A 356 1.28 -13.08 -16.25
CA SER A 356 0.56 -12.71 -15.00
C SER A 356 0.16 -11.22 -15.02
N ASP A 357 1.05 -10.32 -15.43
CA ASP A 357 0.71 -8.88 -15.50
C ASP A 357 -0.34 -8.68 -16.59
N ASN A 358 -0.09 -9.25 -17.79
CA ASN A 358 -0.97 -9.07 -18.98
C ASN A 358 -2.35 -9.62 -18.62
N ALA A 359 -2.40 -10.78 -17.96
CA ALA A 359 -3.66 -11.43 -17.52
C ALA A 359 -4.53 -10.42 -16.75
N LEU A 360 -3.98 -9.78 -15.73
CA LEU A 360 -4.77 -8.97 -14.77
C LEU A 360 -5.13 -7.62 -15.39
N LYS A 361 -4.26 -7.06 -16.25
CA LYS A 361 -4.61 -5.82 -17.01
C LYS A 361 -5.87 -6.13 -17.80
N GLN A 362 -5.89 -7.30 -18.45
CA GLN A 362 -6.96 -7.79 -19.35
C GLN A 362 -8.28 -8.00 -18.60
N ILE A 363 -8.28 -8.69 -17.46
CA ILE A 363 -9.55 -9.00 -16.73
C ILE A 363 -10.19 -7.68 -16.27
N ILE A 364 -9.40 -6.73 -15.79
CA ILE A 364 -9.95 -5.41 -15.36
C ILE A 364 -10.49 -4.68 -16.59
N GLU A 365 -9.75 -4.70 -17.72
CA GLU A 365 -10.17 -4.07 -19.01
C GLU A 365 -11.49 -4.69 -19.47
N VAL A 366 -11.46 -5.97 -19.82
CA VAL A 366 -12.61 -6.73 -20.41
C VAL A 366 -13.83 -6.68 -19.47
N ALA A 367 -13.64 -6.67 -18.15
CA ALA A 367 -14.75 -6.62 -17.15
C ALA A 367 -15.46 -5.26 -17.21
N SER A 368 -14.75 -4.20 -17.59
CA SER A 368 -15.26 -2.82 -17.77
C SER A 368 -15.80 -2.62 -19.20
N LYS A 369 -17.12 -2.39 -19.33
CA LYS A 369 -17.83 -2.21 -20.63
C LYS A 369 -17.94 -3.53 -21.41
N GLY A 370 -17.44 -4.64 -20.87
CA GLY A 370 -17.58 -6.00 -21.46
C GLY A 370 -16.57 -6.25 -22.57
N GLY A 371 -16.36 -7.53 -22.92
CA GLY A 371 -15.45 -7.96 -24.01
C GLY A 371 -15.22 -9.47 -24.00
N THR A 372 -14.16 -9.93 -24.64
CA THR A 372 -13.68 -11.33 -24.52
C THR A 372 -12.27 -11.34 -23.90
N PHE A 373 -12.08 -12.16 -22.88
CA PHE A 373 -10.73 -12.54 -22.37
C PHE A 373 -10.04 -13.38 -23.45
N LYS A 374 -9.02 -12.85 -24.11
CA LYS A 374 -8.27 -13.60 -25.15
C LYS A 374 -7.25 -14.53 -24.48
N SER A 375 -7.40 -15.84 -24.65
CA SER A 375 -6.59 -16.89 -23.96
C SER A 375 -6.03 -17.89 -24.99
N LYS A 376 -4.79 -18.31 -24.77
CA LYS A 376 -4.11 -19.39 -25.53
C LYS A 376 -4.91 -20.70 -25.42
N PHE A 377 -5.76 -20.83 -24.38
CA PHE A 377 -6.44 -22.08 -23.94
C PHE A 377 -7.96 -21.97 -24.00
N GLY A 378 -8.49 -21.00 -24.77
CA GLY A 378 -9.92 -20.92 -25.16
C GLY A 378 -10.62 -19.68 -24.64
N ASP A 379 -10.73 -18.66 -25.47
CA ASP A 379 -11.25 -17.30 -25.11
C ASP A 379 -12.67 -17.41 -24.54
N LYS A 380 -13.02 -16.58 -23.57
CA LYS A 380 -14.35 -16.61 -22.89
C LYS A 380 -15.04 -15.27 -23.02
N PRO A 381 -16.34 -15.25 -23.40
CA PRO A 381 -17.19 -14.06 -23.24
C PRO A 381 -17.27 -13.52 -21.81
N ILE A 382 -17.27 -12.19 -21.69
CA ILE A 382 -17.48 -11.41 -20.43
C ILE A 382 -18.29 -10.15 -20.75
N SER A 383 -19.44 -9.95 -20.08
CA SER A 383 -20.19 -8.66 -20.09
C SER A 383 -19.83 -7.82 -18.85
N ALA A 384 -20.18 -6.53 -18.88
CA ALA A 384 -19.73 -5.49 -17.93
C ALA A 384 -20.49 -5.57 -16.60
N TYR A 385 -19.92 -4.93 -15.56
CA TYR A 385 -20.54 -4.45 -14.28
C TYR A 385 -20.78 -5.59 -13.28
N ALA A 386 -20.58 -6.85 -13.69
CA ALA A 386 -20.69 -8.05 -12.81
C ALA A 386 -19.64 -7.95 -11.68
N GLY A 387 -18.60 -7.14 -11.89
CA GLY A 387 -17.64 -6.74 -10.85
C GLY A 387 -17.74 -5.26 -10.53
N LYS A 388 -17.54 -4.39 -11.53
CA LYS A 388 -17.32 -2.92 -11.35
C LYS A 388 -16.04 -2.73 -10.50
N ALA A 389 -15.05 -3.60 -10.72
CA ALA A 389 -13.83 -3.77 -9.89
C ALA A 389 -12.63 -3.14 -10.59
N GLN A 390 -11.81 -2.40 -9.83
CA GLN A 390 -10.62 -1.63 -10.29
C GLN A 390 -9.34 -2.42 -10.02
N SER A 391 -9.30 -3.24 -8.97
CA SER A 391 -8.07 -3.91 -8.48
C SER A 391 -8.02 -5.40 -8.82
N ALA A 392 -6.82 -5.98 -8.69
CA ALA A 392 -6.51 -7.43 -8.86
C ALA A 392 -5.12 -7.76 -8.27
N ALA A 393 -4.96 -8.99 -7.77
CA ALA A 393 -3.68 -9.54 -7.26
C ALA A 393 -3.54 -11.01 -7.62
N LEU A 394 -2.34 -11.46 -7.99
CA LEU A 394 -2.06 -12.90 -8.26
C LEU A 394 -0.63 -13.26 -7.87
N ILE A 395 -0.44 -14.45 -7.29
CA ILE A 395 0.91 -15.01 -6.95
C ILE A 395 1.07 -16.46 -7.39
N ALA A 396 2.28 -16.79 -7.82
CA ALA A 396 2.66 -18.14 -8.26
C ALA A 396 3.99 -18.54 -7.62
N ILE A 397 3.98 -19.65 -6.90
CA ILE A 397 5.14 -20.12 -6.10
C ILE A 397 5.50 -21.54 -6.51
N ASP A 398 6.79 -21.87 -6.45
CA ASP A 398 7.32 -23.25 -6.46
C ASP A 398 7.02 -23.85 -5.07
N VAL A 399 6.20 -24.89 -5.02
CA VAL A 399 5.58 -25.44 -3.77
C VAL A 399 6.61 -26.28 -3.01
N LYS A 400 7.68 -26.71 -3.68
CA LYS A 400 8.78 -27.47 -3.03
C LYS A 400 9.61 -26.52 -2.17
N ASN A 401 10.03 -25.37 -2.73
CA ASN A 401 11.09 -24.53 -2.10
C ASN A 401 10.62 -23.10 -1.78
N GLY A 402 9.37 -22.73 -2.08
CA GLY A 402 8.82 -21.39 -1.77
C GLY A 402 9.42 -20.25 -2.60
N GLU A 403 10.18 -20.51 -3.66
CA GLU A 403 10.60 -19.47 -4.63
C GLU A 403 9.37 -18.89 -5.33
N VAL A 404 9.26 -17.55 -5.42
CA VAL A 404 8.10 -16.86 -6.08
C VAL A 404 8.47 -16.68 -7.54
N LEU A 405 7.66 -17.25 -8.43
CA LEU A 405 7.94 -17.30 -9.89
C LEU A 405 7.22 -16.16 -10.61
N ALA A 406 6.07 -15.68 -10.10
CA ALA A 406 5.42 -14.45 -10.60
C ALA A 406 4.51 -13.82 -9.55
N SER A 407 4.47 -12.49 -9.53
CA SER A 407 3.76 -11.70 -8.51
C SER A 407 3.30 -10.40 -9.15
N SER A 408 2.00 -10.25 -9.33
CA SER A 408 1.37 -9.10 -10.02
C SER A 408 0.34 -8.44 -9.10
N SER A 409 0.41 -7.11 -8.97
CA SER A 409 -0.64 -6.28 -8.34
C SER A 409 -1.20 -5.31 -9.40
N TYR A 410 -2.48 -4.95 -9.28
CA TYR A 410 -3.18 -3.97 -10.15
C TYR A 410 -4.13 -3.19 -9.25
N PRO A 411 -4.08 -1.83 -9.17
CA PRO A 411 -3.15 -1.01 -9.95
C PRO A 411 -1.68 -1.19 -9.60
N ASN A 412 -0.82 -0.80 -10.55
CA ASN A 412 0.66 -0.86 -10.48
C ASN A 412 1.26 0.49 -10.94
N TYR A 413 2.53 0.53 -11.37
CA TYR A 413 3.24 1.79 -11.76
C TYR A 413 4.43 1.50 -12.68
N ASP A 414 4.97 2.58 -13.26
CA ASP A 414 6.26 2.57 -14.01
C ASP A 414 7.33 3.10 -13.06
N PRO A 415 8.22 2.21 -12.59
CA PRO A 415 9.36 2.64 -11.78
C PRO A 415 10.16 3.80 -12.42
N ASN A 416 10.09 3.96 -13.74
CA ASN A 416 10.83 4.99 -14.52
C ASN A 416 10.36 6.42 -14.20
N LYS A 417 9.06 6.64 -13.99
CA LYS A 417 8.50 7.96 -13.53
C LYS A 417 9.38 8.53 -12.42
N PHE A 418 10.09 7.67 -11.69
CA PHE A 418 10.84 8.01 -10.45
C PHE A 418 12.36 8.14 -10.68
N ALA A 419 12.90 7.52 -11.73
CA ALA A 419 14.35 7.47 -12.01
C ALA A 419 14.95 8.88 -11.91
N LYS A 420 14.38 9.81 -12.69
CA LYS A 420 14.67 11.28 -12.65
C LYS A 420 14.03 11.88 -11.40
N GLY A 421 12.84 11.37 -11.06
CA GLY A 421 12.17 11.70 -9.80
C GLY A 421 11.08 12.74 -9.90
N ILE A 422 10.05 12.56 -10.73
CA ILE A 422 8.97 13.59 -10.69
C ILE A 422 8.33 13.49 -9.31
N SER A 423 8.11 14.63 -8.66
CA SER A 423 7.52 14.60 -7.28
C SER A 423 6.35 15.58 -7.17
N THR A 424 5.69 15.92 -8.27
CA THR A 424 4.49 16.79 -8.20
C THR A 424 3.35 16.17 -9.00
N GLU A 425 3.31 16.25 -10.35
CA GLU A 425 2.09 15.83 -11.09
C GLU A 425 1.99 14.30 -11.12
N ASP A 426 2.91 13.60 -11.79
CA ASP A 426 2.84 12.12 -11.94
C ASP A 426 2.68 11.45 -10.56
N TYR A 427 3.39 11.94 -9.55
CA TYR A 427 3.37 11.38 -8.17
C TYR A 427 2.01 11.65 -7.50
N LYS A 428 1.66 12.92 -7.32
CA LYS A 428 0.39 13.32 -6.65
C LYS A 428 -0.78 12.75 -7.46
N ALA A 429 -0.96 13.26 -8.68
CA ALA A 429 -2.19 13.11 -9.49
C ALA A 429 -2.58 11.63 -9.61
N LEU A 430 -1.64 10.68 -9.55
CA LEU A 430 -1.99 9.28 -9.93
C LEU A 430 -1.36 8.20 -9.03
N GLN A 431 -0.65 8.51 -7.95
CA GLN A 431 0.01 7.41 -7.19
C GLN A 431 -0.80 7.00 -5.96
N PRO A 432 -1.56 7.90 -5.27
CA PRO A 432 -2.70 7.49 -4.43
C PRO A 432 -4.07 7.50 -5.13
N LYS A 433 -5.19 7.47 -4.36
CA LYS A 433 -6.58 7.63 -4.90
C LYS A 433 -7.57 7.90 -3.74
N ASN A 434 -8.86 7.53 -3.82
CA ASN A 434 -9.84 7.78 -2.72
C ASN A 434 -9.36 7.16 -1.40
N PRO A 435 -8.92 7.96 -0.39
CA PRO A 435 -8.32 7.40 0.83
C PRO A 435 -9.27 6.67 1.80
N ASN A 436 -10.58 6.77 1.59
CA ASN A 436 -11.57 6.04 2.44
C ASN A 436 -11.78 4.63 1.87
N ASP A 437 -11.18 4.31 0.71
CA ASP A 437 -11.07 2.94 0.12
C ASP A 437 -9.73 2.80 -0.61
N LEU A 438 -8.63 2.56 0.13
CA LEU A 438 -7.26 2.61 -0.47
C LEU A 438 -6.91 1.28 -1.14
N LEU A 439 -7.44 0.13 -0.67
CA LEU A 439 -7.06 -1.20 -1.21
C LEU A 439 -7.36 -1.28 -2.70
N ALA A 440 -8.42 -0.61 -3.19
CA ALA A 440 -8.84 -0.64 -4.61
C ALA A 440 -8.24 0.52 -5.40
N GLY A 441 -7.49 1.43 -4.76
CA GLY A 441 -6.92 2.62 -5.44
C GLY A 441 -5.55 3.06 -4.97
N SER A 442 -4.60 2.15 -4.72
CA SER A 442 -3.22 2.56 -4.34
C SER A 442 -2.19 1.86 -5.23
N PRO A 443 -1.87 2.44 -6.42
CA PRO A 443 -0.87 1.84 -7.31
C PRO A 443 0.50 1.47 -6.71
N LEU A 444 0.93 2.13 -5.62
CA LEU A 444 2.19 1.79 -4.91
C LEU A 444 2.00 0.61 -3.96
N LEU A 445 0.77 0.12 -3.79
CA LEU A 445 0.42 -0.95 -2.80
C LEU A 445 0.49 -2.34 -3.44
N ASN A 446 1.36 -3.20 -2.92
CA ASN A 446 1.49 -4.63 -3.32
C ASN A 446 0.35 -5.41 -2.65
N LEU A 447 -0.73 -5.64 -3.38
CA LEU A 447 -1.96 -6.26 -2.81
C LEU A 447 -1.66 -7.70 -2.42
N VAL A 448 -0.56 -8.25 -2.97
CA VAL A 448 -0.16 -9.68 -2.82
C VAL A 448 0.47 -9.90 -1.46
N THR A 449 1.26 -8.96 -0.96
CA THR A 449 1.85 -9.03 0.40
C THR A 449 1.06 -8.18 1.41
N GLN A 450 0.49 -7.05 0.98
CA GLN A 450 -0.06 -5.99 1.89
C GLN A 450 -1.60 -5.93 1.92
N GLY A 451 -2.30 -6.55 0.98
CA GLY A 451 -3.77 -6.48 0.95
C GLY A 451 -4.41 -7.71 1.56
N GLU A 452 -4.97 -7.63 2.76
CA GLU A 452 -5.61 -8.80 3.45
C GLU A 452 -7.11 -8.81 3.10
N PHE A 453 -7.66 -10.02 2.88
CA PHE A 453 -9.07 -10.26 2.52
C PHE A 453 -9.63 -11.46 3.27
N GLN A 454 -10.94 -11.46 3.42
CA GLN A 454 -11.68 -12.59 4.02
C GLN A 454 -11.51 -13.75 3.07
N PRO A 455 -10.88 -14.88 3.46
CA PRO A 455 -10.77 -16.01 2.56
C PRO A 455 -12.17 -16.61 2.44
N GLY A 456 -12.60 -16.90 1.23
CA GLY A 456 -13.99 -17.33 1.14
C GLY A 456 -14.14 -18.80 1.36
N SER A 457 -14.34 -19.50 0.27
CA SER A 457 -14.59 -20.95 0.32
C SER A 457 -13.29 -21.69 0.10
N SER A 458 -12.16 -20.99 0.04
CA SER A 458 -10.86 -21.69 -0.08
C SER A 458 -10.36 -22.06 1.31
N PHE A 459 -10.99 -21.51 2.34
CA PHE A 459 -10.67 -21.85 3.76
C PHE A 459 -11.09 -23.29 4.01
N LYS A 460 -12.21 -23.68 3.41
CA LYS A 460 -12.88 -24.99 3.57
C LYS A 460 -11.89 -26.16 3.65
N MET A 461 -10.79 -26.13 2.91
CA MET A 461 -9.83 -27.26 2.99
C MET A 461 -9.12 -27.22 4.35
N LEU A 462 -9.17 -26.10 5.04
CA LEU A 462 -8.56 -26.01 6.38
C LEU A 462 -9.54 -26.67 7.35
N THR A 463 -10.81 -26.37 7.19
CA THR A 463 -11.90 -26.91 8.05
C THR A 463 -11.91 -28.43 7.86
N SER A 464 -11.89 -28.91 6.63
CA SER A 464 -11.95 -30.36 6.28
C SER A 464 -10.70 -31.07 6.81
N MET A 465 -9.53 -30.41 6.69
CA MET A 465 -8.24 -30.98 7.17
C MET A 465 -8.32 -31.17 8.68
N ALA A 466 -8.99 -30.26 9.39
CA ALA A 466 -9.16 -30.32 10.86
C ALA A 466 -10.09 -31.49 11.19
N ALA A 467 -11.23 -31.56 10.51
CA ALA A 467 -12.25 -32.62 10.69
C ALA A 467 -11.62 -33.99 10.42
N LEU A 468 -10.86 -34.16 9.33
CA LEU A 468 -10.20 -35.45 8.99
C LEU A 468 -9.26 -35.87 10.13
N GLU A 469 -8.46 -34.95 10.63
CA GLU A 469 -7.44 -35.20 11.69
C GLU A 469 -8.14 -35.47 13.03
N ASN A 470 -9.44 -35.20 13.12
CA ASN A 470 -10.25 -35.44 14.33
C ASN A 470 -11.32 -36.49 14.02
N GLY A 471 -11.04 -37.37 13.05
CA GLY A 471 -11.71 -38.67 12.88
C GLY A 471 -12.58 -38.79 11.65
N LEU A 472 -12.89 -37.69 10.95
CA LEU A 472 -13.92 -37.66 9.87
C LEU A 472 -13.67 -38.76 8.82
N ASP A 473 -14.74 -39.46 8.48
CA ASP A 473 -14.73 -40.43 7.38
C ASP A 473 -15.14 -39.61 6.16
N PRO A 474 -14.30 -39.48 5.12
CA PRO A 474 -14.63 -38.65 3.98
C PRO A 474 -15.91 -39.07 3.27
N ASN A 475 -16.20 -40.36 3.20
CA ASN A 475 -17.39 -40.93 2.52
C ASN A 475 -18.69 -40.65 3.28
N PHE A 476 -18.63 -40.22 4.54
CA PHE A 476 -19.87 -39.91 5.29
C PHE A 476 -20.63 -38.86 4.48
N THR A 477 -21.92 -39.09 4.25
CA THR A 477 -22.72 -38.18 3.39
C THR A 477 -23.94 -37.67 4.14
N ILE A 478 -24.56 -36.60 3.65
CA ILE A 478 -25.79 -36.01 4.27
C ILE A 478 -26.78 -35.68 3.15
N ASN A 479 -28.06 -35.92 3.40
CA ASN A 479 -29.18 -35.33 2.61
C ASN A 479 -29.16 -33.82 2.90
N ASP A 480 -28.70 -33.04 1.92
CA ASP A 480 -28.39 -31.59 2.09
C ASP A 480 -29.71 -30.81 2.12
N PRO A 481 -30.11 -30.25 3.28
CA PRO A 481 -31.25 -29.33 3.33
C PRO A 481 -30.97 -28.01 2.59
N GLY A 482 -29.68 -27.65 2.46
CA GLY A 482 -29.22 -26.43 1.78
C GLY A 482 -29.41 -25.19 2.63
N VAL A 483 -29.97 -25.35 3.83
CA VAL A 483 -30.18 -24.21 4.77
C VAL A 483 -30.28 -24.78 6.18
N ILE A 484 -29.68 -24.07 7.15
CA ILE A 484 -29.80 -24.41 8.60
C ILE A 484 -30.42 -23.21 9.33
N MET A 485 -31.61 -23.41 9.89
CA MET A 485 -32.31 -22.36 10.66
C MET A 485 -31.79 -22.42 12.11
N LEU A 486 -31.49 -21.27 12.70
CA LEU A 486 -31.07 -21.18 14.11
C LEU A 486 -31.81 -20.00 14.75
N GLY A 487 -33.12 -20.17 14.95
CA GLY A 487 -34.04 -19.13 15.46
C GLY A 487 -34.33 -18.07 14.41
N LYS A 488 -34.76 -18.51 13.22
CA LYS A 488 -35.26 -17.66 12.10
C LYS A 488 -34.10 -16.87 11.46
N LYS A 489 -32.86 -17.02 11.98
CA LYS A 489 -31.62 -16.68 11.21
C LYS A 489 -31.20 -17.95 10.46
N SER A 490 -31.07 -17.85 9.13
CA SER A 490 -30.87 -18.99 8.20
C SER A 490 -29.48 -18.91 7.55
N PHE A 491 -28.62 -19.89 7.81
CA PHE A 491 -27.30 -20.10 7.18
C PHE A 491 -27.47 -21.15 6.08
N GLY A 492 -27.34 -20.76 4.81
CA GLY A 492 -27.70 -21.62 3.67
C GLY A 492 -26.67 -21.61 2.55
N ASP A 493 -26.58 -22.72 1.81
CA ASP A 493 -25.87 -22.75 0.50
C ASP A 493 -26.36 -21.53 -0.28
N TYR A 494 -25.53 -21.00 -1.18
CA TYR A 494 -25.93 -19.95 -2.15
C TYR A 494 -27.06 -20.53 -3.01
N VAL A 495 -26.99 -21.83 -3.30
CA VAL A 495 -27.98 -22.53 -4.18
C VAL A 495 -29.37 -22.50 -3.51
N TRP A 496 -29.42 -22.28 -2.19
CA TRP A 496 -30.68 -22.05 -1.42
C TRP A 496 -31.09 -20.58 -1.51
N ASN A 497 -30.19 -19.65 -1.17
CA ASN A 497 -30.45 -18.18 -1.15
C ASN A 497 -30.93 -17.72 -2.53
N HIS A 498 -30.80 -18.59 -3.54
CA HIS A 498 -31.31 -18.39 -4.93
C HIS A 498 -32.00 -19.68 -5.39
N GLY A 499 -33.12 -20.04 -4.72
CA GLY A 499 -34.06 -21.12 -5.13
C GLY A 499 -34.31 -22.16 -4.04
N ARG A 500 -34.19 -23.43 -4.38
CA ARG A 500 -34.15 -24.55 -3.39
C ARG A 500 -32.68 -24.96 -3.23
N GLY A 501 -32.15 -24.80 -2.03
CA GLY A 501 -30.77 -25.20 -1.70
C GLY A 501 -30.66 -26.69 -1.51
N ASN A 502 -30.15 -27.40 -2.51
CA ASN A 502 -29.85 -28.84 -2.34
C ASN A 502 -28.65 -29.18 -3.22
N HIS A 503 -27.64 -29.81 -2.62
CA HIS A 503 -26.60 -30.63 -3.30
C HIS A 503 -26.93 -32.12 -3.16
N GLY A 504 -28.20 -32.45 -2.93
CA GLY A 504 -28.71 -33.81 -2.66
C GLY A 504 -27.87 -34.52 -1.61
N MET A 505 -27.58 -35.81 -1.84
CA MET A 505 -26.68 -36.67 -1.01
C MET A 505 -25.24 -36.20 -1.19
N THR A 506 -24.54 -35.87 -0.10
CA THR A 506 -23.30 -35.05 -0.12
C THR A 506 -22.26 -35.58 0.88
N ASN A 507 -21.19 -36.19 0.39
CA ASN A 507 -19.96 -36.56 1.14
C ASN A 507 -18.97 -35.38 1.10
N LEU A 508 -17.84 -35.50 1.79
CA LEU A 508 -16.82 -34.42 1.81
C LEU A 508 -16.45 -34.04 0.38
N TYR A 509 -16.24 -35.02 -0.50
CA TYR A 509 -15.72 -34.77 -1.88
C TYR A 509 -16.68 -33.85 -2.62
N LYS A 510 -17.99 -34.14 -2.60
CA LYS A 510 -19.00 -33.30 -3.29
C LYS A 510 -19.10 -31.92 -2.61
N ALA A 511 -19.00 -31.87 -1.28
CA ALA A 511 -18.98 -30.63 -0.48
C ALA A 511 -17.88 -29.69 -0.97
N ILE A 512 -16.62 -30.12 -0.93
CA ILE A 512 -15.48 -29.37 -1.56
C ILE A 512 -15.83 -29.07 -3.01
N GLN A 513 -16.27 -30.07 -3.78
CA GLN A 513 -16.55 -29.95 -5.23
C GLN A 513 -17.53 -28.80 -5.54
N GLU A 514 -18.75 -28.84 -5.00
CA GLU A 514 -19.83 -27.85 -5.32
C GLU A 514 -19.84 -26.75 -4.25
N SER A 515 -18.97 -26.84 -3.24
CA SER A 515 -18.86 -25.82 -2.17
C SER A 515 -20.13 -25.80 -1.32
N CYS A 516 -20.47 -26.91 -0.65
CA CYS A 516 -21.62 -27.03 0.28
C CYS A 516 -21.23 -26.46 1.65
N ASN A 517 -21.80 -25.31 2.03
CA ASN A 517 -21.51 -24.69 3.34
C ASN A 517 -22.19 -25.50 4.45
N ILE A 518 -23.30 -26.15 4.10
CA ILE A 518 -24.07 -26.96 5.09
C ILE A 518 -23.20 -28.11 5.59
N TYR A 519 -22.49 -28.79 4.69
CA TYR A 519 -21.58 -29.91 5.02
C TYR A 519 -20.46 -29.40 5.94
N MET A 520 -19.93 -28.22 5.64
CA MET A 520 -18.78 -27.63 6.38
C MET A 520 -19.25 -27.18 7.77
N ALA A 521 -20.43 -26.54 7.83
CA ALA A 521 -21.13 -26.17 9.09
C ALA A 521 -21.21 -27.38 10.03
N THR A 522 -21.60 -28.54 9.48
CA THR A 522 -21.83 -29.80 10.23
C THR A 522 -20.49 -30.35 10.73
N ILE A 523 -19.47 -30.41 9.87
CA ILE A 523 -18.14 -31.01 10.22
C ILE A 523 -17.35 -30.03 11.11
N GLY A 524 -17.57 -28.73 10.95
CA GLY A 524 -16.84 -27.69 11.71
C GLY A 524 -17.31 -27.62 13.15
N THR A 525 -18.60 -27.93 13.34
CA THR A 525 -19.32 -27.88 14.64
C THR A 525 -19.33 -29.27 15.28
N GLY A 526 -19.07 -30.30 14.49
CA GLY A 526 -19.01 -31.70 14.95
C GLY A 526 -20.36 -32.20 15.41
N LYS A 527 -21.43 -31.67 14.85
CA LYS A 527 -22.79 -32.09 15.27
C LYS A 527 -23.76 -31.92 14.09
N THR A 528 -24.83 -32.72 14.02
CA THR A 528 -25.82 -32.59 12.92
C THR A 528 -26.86 -31.54 13.33
N TRP A 529 -26.60 -30.28 13.01
CA TRP A 529 -27.32 -29.08 13.50
C TRP A 529 -28.81 -28.95 13.20
N PRO A 530 -29.38 -29.32 12.04
CA PRO A 530 -30.81 -29.10 11.85
C PRO A 530 -31.59 -29.91 12.90
N ASP A 531 -31.17 -31.17 13.13
CA ASP A 531 -31.79 -32.09 14.11
C ASP A 531 -30.92 -32.19 15.37
N GLY A 532 -31.04 -31.23 16.28
CA GLY A 532 -30.23 -31.22 17.52
C GLY A 532 -28.75 -31.11 17.26
N LYS A 533 -27.93 -31.76 18.09
CA LYS A 533 -26.45 -31.67 17.92
C LYS A 533 -25.80 -32.96 18.42
N SER A 534 -25.39 -33.86 17.51
CA SER A 534 -24.73 -35.12 17.94
C SER A 534 -23.42 -35.43 17.19
N ILE A 535 -23.53 -36.08 16.01
CA ILE A 535 -22.47 -36.41 14.98
C ILE A 535 -21.41 -37.41 15.48
N GLY A 536 -20.83 -37.21 16.67
CA GLY A 536 -19.84 -38.15 17.24
C GLY A 536 -18.45 -38.02 16.62
N ILE A 537 -17.99 -36.81 16.25
CA ILE A 537 -16.55 -36.61 15.89
C ILE A 537 -15.90 -35.44 16.65
N ASP A 538 -16.63 -34.64 17.43
CA ASP A 538 -15.99 -33.66 18.36
C ASP A 538 -15.06 -32.68 17.60
N MET A 539 -15.66 -31.63 17.01
CA MET A 539 -14.95 -30.55 16.26
C MET A 539 -15.53 -29.17 16.63
N ASN A 540 -14.67 -28.19 16.89
CA ASN A 540 -15.09 -26.82 17.27
C ASN A 540 -14.18 -25.80 16.56
N ALA A 541 -14.45 -24.51 16.75
CA ALA A 541 -13.72 -23.39 16.10
C ALA A 541 -12.24 -23.45 16.46
N ASN A 542 -11.92 -23.59 17.76
CA ASN A 542 -10.54 -23.60 18.30
C ASN A 542 -9.69 -24.57 17.49
N LYS A 543 -10.25 -25.74 17.17
CA LYS A 543 -9.58 -26.77 16.33
C LYS A 543 -9.39 -26.25 14.89
N ILE A 544 -10.32 -25.45 14.37
CA ILE A 544 -10.19 -24.83 13.02
C ILE A 544 -9.08 -23.80 13.10
N LEU A 545 -9.14 -22.88 14.05
CA LEU A 545 -8.14 -21.80 14.23
C LEU A 545 -6.74 -22.41 14.47
N GLU A 546 -6.70 -23.60 15.08
CA GLU A 546 -5.47 -24.41 15.29
C GLU A 546 -4.87 -24.71 13.92
N TYR A 547 -5.70 -25.22 13.01
CA TYR A 547 -5.31 -25.64 11.64
C TYR A 547 -5.04 -24.40 10.78
N ALA A 548 -5.57 -23.25 11.17
CA ALA A 548 -5.14 -21.96 10.59
C ALA A 548 -3.68 -21.73 10.96
N LYS A 549 -3.34 -21.91 12.24
CA LYS A 549 -2.00 -21.59 12.77
C LYS A 549 -0.97 -22.54 12.16
N LEU A 550 -1.37 -23.81 11.98
CA LEU A 550 -0.48 -24.91 11.51
C LEU A 550 -0.07 -24.64 10.05
N PHE A 551 -0.99 -24.12 9.23
CA PHE A 551 -0.76 -23.71 7.82
C PHE A 551 -0.16 -22.30 7.71
N GLY A 552 0.37 -21.73 8.80
CA GLY A 552 1.16 -20.48 8.81
C GLY A 552 0.38 -19.31 8.24
N LEU A 553 -0.83 -19.11 8.76
CA LEU A 553 -1.74 -18.03 8.32
C LEU A 553 -1.76 -16.91 9.37
N ASP A 554 -1.06 -17.12 10.49
CA ASP A 554 -0.85 -16.07 11.53
C ASP A 554 0.65 -15.72 11.55
N GLN A 555 1.33 -15.93 10.41
CA GLN A 555 2.80 -15.86 10.28
C GLN A 555 3.14 -15.05 9.02
N ASN A 556 4.17 -14.20 9.08
CA ASN A 556 4.80 -13.56 7.89
C ASN A 556 5.24 -14.65 6.91
N THR A 557 5.27 -14.33 5.62
CA THR A 557 5.44 -15.31 4.51
C THR A 557 6.92 -15.65 4.27
N GLY A 558 7.86 -14.76 4.64
CA GLY A 558 9.28 -14.82 4.27
C GLY A 558 9.72 -13.63 3.43
N LEU A 559 8.77 -12.89 2.84
CA LEU A 559 9.05 -11.81 1.86
C LEU A 559 9.32 -10.50 2.60
N GLN A 560 9.02 -10.43 3.90
CA GLN A 560 8.92 -9.15 4.64
C GLN A 560 10.25 -8.39 4.67
N ASP A 561 11.40 -9.07 4.61
CA ASP A 561 12.74 -8.40 4.68
C ASP A 561 13.27 -8.16 3.26
N GLU A 562 12.50 -8.54 2.23
CA GLU A 562 12.89 -8.54 0.80
C GLU A 562 12.04 -7.52 0.04
N VAL A 563 10.73 -7.48 0.32
CA VAL A 563 9.74 -6.48 -0.21
C VAL A 563 8.83 -6.01 0.92
N GLU A 564 7.93 -5.07 0.64
CA GLU A 564 6.89 -4.59 1.60
C GLU A 564 5.87 -5.70 1.84
N GLU A 565 5.80 -6.21 3.07
CA GLU A 565 4.76 -7.18 3.53
C GLU A 565 4.04 -6.55 4.71
N ARG A 566 2.71 -6.62 4.72
CA ARG A 566 1.91 -6.34 5.95
C ARG A 566 2.16 -7.47 6.95
N ALA A 567 2.60 -7.15 8.16
CA ALA A 567 2.83 -8.13 9.26
C ALA A 567 1.56 -8.97 9.42
N GLY A 568 1.72 -10.28 9.61
CA GLY A 568 0.61 -11.24 9.57
C GLY A 568 0.28 -11.76 10.95
N LYS A 569 1.01 -11.31 11.97
CA LYS A 569 0.84 -11.79 13.38
C LYS A 569 -0.61 -11.46 13.79
N VAL A 570 -1.39 -12.46 14.20
CA VAL A 570 -2.82 -12.30 14.61
C VAL A 570 -2.85 -12.14 16.12
N PRO A 571 -3.95 -11.60 16.69
CA PRO A 571 -3.99 -11.28 18.12
C PRO A 571 -3.73 -12.54 18.95
N SER A 572 -2.92 -12.39 20.01
CA SER A 572 -2.53 -13.46 20.97
C SER A 572 -3.75 -13.86 21.81
N THR A 573 -3.62 -14.97 22.56
CA THR A 573 -4.69 -15.52 23.44
C THR A 573 -4.87 -14.59 24.66
N GLU A 574 -3.75 -14.13 25.24
CA GLU A 574 -3.72 -13.29 26.47
C GLU A 574 -3.91 -11.80 26.10
N ASP A 575 -3.62 -11.43 24.85
CA ASP A 575 -3.72 -10.03 24.33
C ASP A 575 -5.18 -9.74 23.97
N LYS A 576 -5.94 -10.78 23.58
CA LYS A 576 -7.40 -10.71 23.24
C LYS A 576 -8.22 -10.61 24.54
N LEU A 577 -7.86 -11.39 25.56
CA LEU A 577 -8.46 -11.36 26.94
C LEU A 577 -8.45 -9.93 27.50
N LYS A 578 -7.26 -9.30 27.55
CA LYS A 578 -7.02 -8.01 28.27
C LYS A 578 -7.84 -6.87 27.67
N SER A 579 -8.22 -6.94 26.39
CA SER A 579 -9.05 -5.91 25.72
C SER A 579 -10.53 -6.24 25.89
N THR A 580 -10.88 -7.51 26.14
CA THR A 580 -12.27 -7.95 26.44
C THR A 580 -12.68 -7.41 27.82
N GLN A 581 -11.86 -7.61 28.84
CA GLN A 581 -12.22 -7.26 30.25
C GLN A 581 -12.26 -5.73 30.42
N ALA A 582 -11.35 -5.01 29.76
CA ALA A 582 -11.23 -3.52 29.87
C ALA A 582 -12.18 -2.84 28.87
N PHE A 658 -17.42 -13.86 25.66
CA PHE A 658 -16.34 -13.97 26.68
C PHE A 658 -15.08 -14.51 26.02
N ALA A 659 -15.10 -15.80 25.69
CA ALA A 659 -13.95 -16.47 25.05
C ALA A 659 -14.44 -17.78 24.41
N LYS A 660 -15.72 -18.13 24.65
CA LYS A 660 -16.48 -19.24 24.02
C LYS A 660 -16.85 -18.81 22.59
N TRP A 661 -17.15 -19.79 21.72
CA TRP A 661 -17.58 -19.54 20.31
C TRP A 661 -19.06 -19.88 20.16
N SER A 662 -19.86 -18.94 19.64
CA SER A 662 -21.28 -19.14 19.31
C SER A 662 -21.37 -20.19 18.19
N THR A 663 -22.49 -20.88 18.07
CA THR A 663 -22.76 -21.82 16.95
C THR A 663 -22.72 -21.02 15.64
N ALA A 664 -23.50 -19.94 15.55
CA ALA A 664 -23.65 -19.10 14.33
C ALA A 664 -22.28 -18.61 13.85
N ASP A 665 -21.37 -18.28 14.77
CA ASP A 665 -20.01 -17.79 14.46
C ASP A 665 -19.21 -18.94 13.86
N THR A 666 -19.02 -20.02 14.63
CA THR A 666 -18.36 -21.28 14.17
C THR A 666 -18.81 -21.56 12.72
N PHE A 667 -20.11 -21.47 12.43
CA PHE A 667 -20.71 -21.64 11.08
C PHE A 667 -19.96 -20.80 10.04
N ASN A 668 -19.86 -19.49 10.29
CA ASN A 668 -19.18 -18.53 9.39
C ASN A 668 -17.71 -18.93 9.22
N LEU A 669 -16.99 -19.10 10.34
CA LEU A 669 -15.55 -19.41 10.38
C LEU A 669 -15.23 -20.60 9.47
N ALA A 670 -16.05 -21.66 9.56
CA ALA A 670 -15.90 -22.91 8.79
C ALA A 670 -15.79 -22.62 7.29
N ILE A 671 -16.49 -21.60 6.77
CA ILE A 671 -16.74 -21.42 5.31
C ILE A 671 -16.04 -20.16 4.77
N GLY A 672 -15.07 -19.62 5.52
CA GLY A 672 -14.20 -18.50 5.09
C GLY A 672 -14.50 -17.19 5.79
N GLN A 673 -15.78 -16.89 6.07
CA GLN A 673 -16.22 -15.66 6.79
C GLN A 673 -15.60 -15.69 8.20
N GLY A 674 -15.08 -14.58 8.69
CA GLY A 674 -14.43 -14.54 10.00
C GLY A 674 -13.73 -13.22 10.27
N GLU A 675 -13.58 -12.89 11.55
CA GLU A 675 -12.74 -11.76 12.00
C GLU A 675 -11.45 -11.75 11.17
N ASN A 676 -10.73 -12.87 11.12
CA ASN A 676 -9.33 -12.96 10.60
C ASN A 676 -9.31 -12.97 9.06
N ALA A 677 -8.52 -12.07 8.47
CA ALA A 677 -8.34 -11.85 7.01
C ALA A 677 -6.85 -12.01 6.62
N TYR A 678 -6.60 -12.41 5.37
CA TYR A 678 -5.30 -12.98 4.95
C TYR A 678 -4.94 -12.47 3.55
N THR A 679 -3.64 -12.46 3.23
CA THR A 679 -3.12 -11.93 1.95
C THR A 679 -2.89 -13.07 0.98
N PRO A 680 -2.83 -12.80 -0.34
CA PRO A 680 -2.59 -13.84 -1.34
C PRO A 680 -1.35 -14.67 -1.02
N ALA A 681 -0.26 -13.98 -0.64
CA ALA A 681 1.05 -14.62 -0.35
C ALA A 681 0.93 -15.52 0.88
N GLN A 682 0.02 -15.20 1.77
CA GLN A 682 -0.24 -16.02 2.98
C GLN A 682 -0.93 -17.33 2.54
N ILE A 683 -2.02 -17.19 1.78
CA ILE A 683 -2.84 -18.33 1.26
C ILE A 683 -1.90 -19.25 0.48
N SER A 684 -1.07 -18.66 -0.38
CA SER A 684 -0.08 -19.38 -1.23
C SER A 684 0.66 -20.43 -0.39
N ARG A 685 1.17 -20.07 0.78
CA ARG A 685 1.88 -21.03 1.67
C ARG A 685 0.91 -22.13 2.09
N TYR A 686 -0.33 -21.76 2.37
CA TYR A 686 -1.36 -22.70 2.90
C TYR A 686 -1.71 -23.73 1.83
N VAL A 687 -2.08 -23.28 0.63
CA VAL A 687 -2.37 -24.20 -0.51
C VAL A 687 -1.12 -25.01 -0.86
N ALA A 688 0.04 -24.37 -0.92
CA ALA A 688 1.32 -25.04 -1.22
C ALA A 688 1.55 -26.22 -0.26
N ALA A 689 1.23 -26.05 1.02
CA ALA A 689 1.35 -27.10 2.07
C ALA A 689 0.48 -28.31 1.69
N ILE A 690 -0.72 -28.11 1.15
CA ILE A 690 -1.59 -29.20 0.63
C ILE A 690 -0.82 -29.90 -0.49
N ALA A 691 -0.28 -29.12 -1.44
CA ALA A 691 0.34 -29.63 -2.71
C ALA A 691 1.62 -30.43 -2.43
N ASN A 692 2.42 -30.02 -1.46
CA ASN A 692 3.78 -30.58 -1.23
C ASN A 692 3.79 -31.60 -0.09
N GLY A 693 2.60 -32.06 0.35
CA GLY A 693 2.46 -33.16 1.33
C GLY A 693 2.63 -32.72 2.77
N GLY A 694 2.39 -31.44 3.07
CA GLY A 694 2.35 -30.92 4.45
C GLY A 694 3.67 -30.30 4.86
N ASN A 695 4.26 -29.48 4.00
CA ASN A 695 5.51 -28.73 4.33
C ASN A 695 5.16 -27.25 4.31
N LEU A 696 5.70 -26.48 5.25
CA LEU A 696 5.47 -25.02 5.27
C LEU A 696 6.70 -24.29 4.75
N VAL A 697 6.66 -23.92 3.47
CA VAL A 697 7.79 -23.26 2.74
C VAL A 697 7.79 -21.77 3.09
N GLU A 698 8.99 -21.21 3.23
CA GLU A 698 9.21 -19.76 3.52
C GLU A 698 9.51 -19.10 2.18
N LEU A 699 8.65 -18.18 1.73
CA LEU A 699 8.73 -17.60 0.37
C LEU A 699 9.98 -16.75 0.21
N SER A 700 10.48 -16.65 -1.02
CA SER A 700 11.68 -15.86 -1.39
C SER A 700 11.40 -15.17 -2.72
N VAL A 701 11.97 -14.00 -2.93
CA VAL A 701 11.92 -13.26 -4.21
C VAL A 701 13.35 -13.04 -4.69
N VAL A 702 14.29 -12.75 -3.79
CA VAL A 702 15.72 -12.59 -4.14
C VAL A 702 16.40 -13.97 -4.13
N ASP A 703 16.93 -14.39 -5.28
CA ASP A 703 17.52 -15.74 -5.53
C ASP A 703 19.01 -15.65 -5.21
N ARG A 704 19.76 -14.85 -5.99
CA ARG A 704 21.24 -14.80 -5.92
C ARG A 704 21.70 -13.36 -6.12
N ALA A 705 22.91 -13.07 -5.65
CA ALA A 705 23.68 -11.86 -6.00
C ALA A 705 24.92 -12.35 -6.74
N VAL A 706 25.40 -11.60 -7.73
CA VAL A 706 26.62 -11.99 -8.51
C VAL A 706 27.59 -10.80 -8.49
N SER A 707 28.75 -10.95 -7.86
CA SER A 707 29.71 -9.83 -7.61
C SER A 707 30.42 -9.41 -8.91
N SER A 708 31.29 -8.39 -8.85
CA SER A 708 32.14 -7.89 -9.96
C SER A 708 32.93 -9.04 -10.60
N ASP A 709 33.57 -9.89 -9.78
CA ASP A 709 34.45 -11.02 -10.21
C ASP A 709 33.62 -12.24 -10.65
N TYR A 710 32.39 -12.02 -11.12
CA TYR A 710 31.47 -13.02 -11.72
C TYR A 710 31.29 -14.26 -10.82
N SER A 711 31.64 -14.19 -9.53
CA SER A 711 31.27 -15.20 -8.49
C SER A 711 29.85 -14.92 -8.02
N SER A 712 29.15 -15.94 -7.50
CA SER A 712 27.76 -15.80 -7.00
C SER A 712 27.62 -16.34 -5.58
N VAL A 713 26.44 -16.13 -5.01
CA VAL A 713 26.04 -16.59 -3.65
C VAL A 713 24.53 -16.81 -3.70
N LYS A 714 24.01 -17.82 -3.03
CA LYS A 714 22.55 -18.07 -3.01
C LYS A 714 21.96 -17.43 -1.74
N ILE A 715 21.37 -16.24 -1.87
CA ILE A 715 20.68 -15.51 -0.77
C ILE A 715 19.63 -16.42 -0.12
N ASN A 716 18.81 -17.14 -0.89
CA ASN A 716 17.54 -17.73 -0.39
C ASN A 716 17.65 -19.21 -0.02
N ASP A 717 18.84 -19.72 0.35
CA ASP A 717 19.06 -21.15 0.76
C ASP A 717 18.98 -21.32 2.27
N GLN A 718 18.81 -20.22 3.01
CA GLN A 718 18.53 -20.22 4.48
C GLN A 718 17.04 -20.54 4.70
N LYS A 719 16.23 -20.37 3.66
CA LYS A 719 14.75 -20.39 3.75
C LYS A 719 14.32 -21.70 4.41
N LYS A 720 13.40 -21.62 5.38
CA LYS A 720 12.93 -22.78 6.19
C LYS A 720 11.85 -23.53 5.41
N VAL A 721 12.11 -24.80 5.08
CA VAL A 721 11.03 -25.82 4.87
C VAL A 721 10.86 -26.56 6.20
N GLU A 722 9.62 -26.84 6.60
CA GLU A 722 9.23 -27.24 7.97
C GLU A 722 8.06 -28.21 7.90
N LYS A 723 8.21 -29.41 8.45
CA LYS A 723 7.17 -30.47 8.38
C LYS A 723 6.02 -30.09 9.34
N ILE A 724 4.94 -29.54 8.80
CA ILE A 724 3.69 -29.26 9.55
C ILE A 724 3.40 -30.48 10.42
N PRO A 725 3.32 -30.35 11.77
CA PRO A 725 3.07 -31.50 12.65
C PRO A 725 1.66 -32.12 12.59
N PHE A 726 1.23 -32.59 11.42
CA PHE A 726 -0.11 -33.22 11.23
C PHE A 726 -0.11 -34.60 11.88
N LYS A 727 -1.28 -34.99 12.42
CA LYS A 727 -1.54 -36.34 12.99
C LYS A 727 -1.35 -37.38 11.87
N ASN A 728 -1.83 -37.10 10.65
CA ASN A 728 -1.67 -38.02 9.50
C ASN A 728 -1.68 -37.23 8.18
N PRO A 729 -0.48 -36.80 7.71
CA PRO A 729 -0.39 -36.02 6.48
C PRO A 729 -1.08 -36.63 5.24
N ASP A 730 -1.33 -37.95 5.22
CA ASP A 730 -2.11 -38.60 4.12
C ASP A 730 -3.52 -38.00 4.08
N ASN A 731 -3.95 -37.33 5.15
CA ASN A 731 -5.25 -36.60 5.20
C ASN A 731 -5.30 -35.60 4.03
N LEU A 732 -4.17 -34.98 3.66
CA LEU A 732 -4.10 -33.96 2.59
C LEU A 732 -4.54 -34.57 1.25
N LYS A 733 -4.28 -35.85 1.03
CA LYS A 733 -4.64 -36.50 -0.25
C LYS A 733 -6.17 -36.48 -0.42
N GLU A 734 -6.95 -36.31 0.65
CA GLU A 734 -8.44 -36.26 0.56
C GLU A 734 -8.89 -34.85 0.15
N LEU A 735 -8.18 -33.84 0.65
CA LEU A 735 -8.31 -32.44 0.20
C LEU A 735 -8.10 -32.40 -1.32
N THR A 736 -7.01 -32.99 -1.84
CA THR A 736 -6.62 -32.84 -3.27
C THR A 736 -7.56 -33.69 -4.10
N LYS A 737 -8.06 -34.79 -3.54
CA LYS A 737 -9.12 -35.62 -4.17
C LYS A 737 -10.34 -34.71 -4.38
N GLY A 738 -10.69 -33.91 -3.37
CA GLY A 738 -11.76 -32.89 -3.42
C GLY A 738 -11.50 -31.82 -4.47
N MET A 739 -10.34 -31.16 -4.37
CA MET A 739 -9.96 -29.98 -5.20
C MET A 739 -9.81 -30.38 -6.68
N LYS A 740 -9.58 -31.68 -6.95
CA LYS A 740 -9.50 -32.20 -8.35
C LYS A 740 -10.91 -32.22 -8.95
N LEU A 741 -11.92 -32.52 -8.12
CA LEU A 741 -13.33 -32.59 -8.59
C LEU A 741 -13.82 -31.17 -8.88
N VAL A 742 -13.37 -30.19 -8.09
CA VAL A 742 -13.72 -28.75 -8.28
C VAL A 742 -13.34 -28.34 -9.72
N ALA A 743 -12.21 -28.84 -10.21
CA ALA A 743 -11.64 -28.49 -11.52
C ALA A 743 -12.49 -29.13 -12.61
N ARG A 744 -12.74 -30.44 -12.49
CA ARG A 744 -13.26 -31.30 -13.58
C ARG A 744 -14.80 -31.24 -13.62
N GLN A 745 -15.45 -31.16 -12.46
CA GLN A 745 -16.94 -31.30 -12.35
C GLN A 745 -17.57 -30.18 -11.51
N GLY A 746 -16.76 -29.33 -10.88
CA GLY A 746 -17.24 -28.46 -9.78
C GLY A 746 -17.35 -27.00 -10.18
N THR A 747 -17.18 -26.12 -9.19
CA THR A 747 -17.37 -24.65 -9.27
C THR A 747 -16.43 -24.03 -10.29
N ALA A 748 -15.42 -24.77 -10.77
CA ALA A 748 -14.39 -24.24 -11.68
C ALA A 748 -14.30 -25.02 -12.98
N LYS A 749 -15.38 -25.73 -13.37
CA LYS A 749 -15.40 -26.53 -14.63
C LYS A 749 -15.43 -25.59 -15.83
N SER A 750 -16.09 -24.43 -15.68
CA SER A 750 -16.12 -23.34 -16.70
C SER A 750 -14.71 -23.15 -17.28
N ALA A 751 -13.70 -23.00 -16.41
CA ALA A 751 -12.32 -22.69 -16.80
C ALA A 751 -11.54 -23.96 -17.17
N PHE A 752 -11.53 -24.96 -16.28
CA PHE A 752 -10.47 -26.00 -16.22
C PHE A 752 -10.88 -27.33 -16.86
N ALA A 753 -12.18 -27.65 -16.88
CA ALA A 753 -12.73 -28.96 -17.31
C ALA A 753 -12.02 -29.42 -18.59
N ASP A 754 -11.92 -28.53 -19.59
CA ASP A 754 -11.30 -28.82 -20.92
C ASP A 754 -9.87 -28.27 -20.96
N PHE A 755 -9.04 -28.60 -19.96
CA PHE A 755 -7.65 -28.10 -19.80
C PHE A 755 -6.68 -29.29 -19.68
N PRO A 756 -5.65 -29.38 -20.56
CA PRO A 756 -4.78 -30.55 -20.63
C PRO A 756 -4.26 -31.14 -19.30
N ILE A 757 -3.90 -30.30 -18.33
CA ILE A 757 -3.14 -30.68 -17.11
C ILE A 757 -4.13 -30.94 -15.96
N ASP A 758 -3.89 -31.97 -15.15
CA ASP A 758 -4.67 -32.26 -13.91
C ASP A 758 -4.47 -31.12 -12.92
N VAL A 759 -5.48 -30.26 -12.74
CA VAL A 759 -5.44 -29.07 -11.84
C VAL A 759 -6.31 -29.33 -10.60
N ALA A 760 -5.71 -29.28 -9.42
CA ALA A 760 -6.43 -29.11 -8.14
C ALA A 760 -6.80 -27.62 -8.04
N ALA A 761 -8.02 -27.29 -7.61
CA ALA A 761 -8.48 -25.88 -7.47
C ALA A 761 -9.60 -25.77 -6.44
N LYS A 762 -9.77 -24.57 -5.89
CA LYS A 762 -10.94 -24.20 -5.05
C LYS A 762 -11.24 -22.72 -5.26
N THR A 763 -12.53 -22.42 -5.42
CA THR A 763 -13.05 -21.06 -5.73
C THR A 763 -13.58 -20.46 -4.42
N GLY A 764 -13.31 -19.18 -4.21
CA GLY A 764 -13.91 -18.35 -3.14
C GLY A 764 -14.64 -17.18 -3.75
N THR A 765 -15.88 -16.92 -3.31
CA THR A 765 -16.74 -15.85 -3.88
C THR A 765 -17.73 -15.34 -2.82
N ALA A 766 -17.89 -14.01 -2.74
CA ALA A 766 -18.79 -13.31 -1.79
C ALA A 766 -19.51 -12.14 -2.49
N GLU A 767 -20.81 -11.98 -2.25
CA GLU A 767 -21.64 -10.93 -2.89
C GLU A 767 -21.56 -9.64 -2.06
N LYS A 768 -22.04 -8.53 -2.65
CA LYS A 768 -22.12 -7.17 -2.03
C LYS A 768 -22.65 -7.28 -0.59
N SER A 769 -22.21 -6.39 0.30
CA SER A 769 -22.66 -6.34 1.72
C SER A 769 -22.86 -4.90 2.22
N GLY A 770 -22.71 -3.87 1.36
CA GLY A 770 -22.92 -2.46 1.76
C GLY A 770 -22.48 -1.45 0.69
N LYS A 771 -21.70 -0.44 1.10
CA LYS A 771 -21.21 0.63 0.19
C LYS A 771 -19.85 1.20 0.62
N ILE A 772 -19.01 1.54 -0.35
CA ILE A 772 -17.70 2.19 -0.12
C ILE A 772 -17.96 3.63 0.28
N PRO A 773 -17.51 4.05 1.49
CA PRO A 773 -17.66 5.44 1.94
C PRO A 773 -16.99 6.46 1.01
N THR A 774 -17.52 7.68 0.95
CA THR A 774 -16.88 8.87 0.31
C THR A 774 -15.70 9.34 1.16
N ASP A 775 -14.92 10.29 0.65
CA ASP A 775 -13.85 10.97 1.44
C ASP A 775 -14.50 12.04 2.32
N ASN A 776 -15.74 12.43 2.00
CA ASN A 776 -16.52 13.43 2.76
C ASN A 776 -18.02 13.08 2.72
N GLU A 777 -18.52 12.41 3.78
CA GLU A 777 -19.96 12.10 4.01
C GLU A 777 -20.78 13.39 3.93
N TYR A 778 -20.44 14.38 4.77
CA TYR A 778 -21.20 15.63 4.92
C TYR A 778 -21.50 16.20 3.54
N GLU A 779 -20.49 16.44 2.72
CA GLU A 779 -20.73 17.04 1.38
C GLU A 779 -21.54 16.10 0.50
N TYR A 780 -21.27 14.80 0.56
CA TYR A 780 -22.08 13.80 -0.19
C TYR A 780 -23.57 14.04 0.10
N LEU A 781 -23.94 14.11 1.38
CA LEU A 781 -25.36 14.28 1.80
C LEU A 781 -25.86 15.64 1.28
N LYS A 782 -25.01 16.66 1.23
CA LYS A 782 -25.46 17.99 0.75
C LYS A 782 -25.72 17.91 -0.76
N SER A 783 -24.86 17.19 -1.47
CA SER A 783 -24.88 17.12 -2.96
C SER A 783 -26.21 16.51 -3.39
N HIS A 784 -26.76 15.58 -2.60
CA HIS A 784 -28.00 14.84 -2.94
C HIS A 784 -29.17 15.23 -2.03
N MET A 785 -29.16 16.40 -1.40
CA MET A 785 -30.28 16.80 -0.49
C MET A 785 -31.59 16.84 -1.27
N SER A 786 -31.58 17.51 -2.43
CA SER A 786 -32.70 17.57 -3.40
C SER A 786 -33.19 16.14 -3.68
N SER A 787 -32.29 15.26 -4.14
CA SER A 787 -32.61 13.87 -4.58
C SER A 787 -33.38 13.11 -3.50
N TYR A 788 -33.18 13.47 -2.22
CA TYR A 788 -33.90 12.88 -1.05
C TYR A 788 -35.28 13.57 -0.85
N ASN A 789 -35.61 14.56 -1.69
CA ASN A 789 -36.83 15.40 -1.56
C ASN A 789 -36.83 16.09 -0.19
N VAL A 790 -35.79 16.88 0.09
CA VAL A 790 -35.59 17.63 1.36
C VAL A 790 -34.92 18.97 1.05
N ASN A 791 -35.39 20.03 1.70
CA ASN A 791 -34.78 21.39 1.57
C ASN A 791 -33.46 21.42 2.33
N LEU A 792 -32.39 21.91 1.71
CA LEU A 792 -31.00 21.80 2.27
C LEU A 792 -30.88 22.65 3.54
N ASN A 793 -31.17 23.94 3.41
CA ASN A 793 -31.19 24.93 4.52
C ASN A 793 -31.90 24.32 5.73
N ASP A 794 -33.09 23.78 5.53
CA ASP A 794 -33.93 23.21 6.63
C ASP A 794 -33.15 22.12 7.35
N ALA A 795 -32.57 21.19 6.59
CA ALA A 795 -31.86 20.00 7.09
C ALA A 795 -30.63 20.45 7.88
N ILE A 796 -29.83 21.38 7.34
CA ILE A 796 -28.67 21.96 8.06
C ILE A 796 -29.14 22.61 9.36
N LYS A 797 -30.18 23.44 9.30
CA LYS A 797 -30.75 24.19 10.47
C LYS A 797 -31.27 23.21 11.52
N LEU A 798 -31.64 22.00 11.12
CA LEU A 798 -32.21 20.97 12.04
C LEU A 798 -31.05 20.15 12.61
N ALA A 799 -30.12 19.76 11.74
CA ALA A 799 -28.95 18.93 12.12
C ALA A 799 -28.18 19.70 13.19
N ASP A 800 -27.97 21.00 12.93
CA ASP A 800 -27.37 21.97 13.87
C ASP A 800 -28.20 22.01 15.16
N LYS A 801 -29.51 22.00 15.06
CA LYS A 801 -30.37 22.00 16.27
C LYS A 801 -30.14 20.70 17.03
N MET A 802 -30.25 19.56 16.36
CA MET A 802 -30.16 18.23 17.01
C MET A 802 -28.85 18.13 17.78
N LYS A 803 -27.77 18.74 17.25
CA LYS A 803 -26.41 18.73 17.86
C LYS A 803 -26.48 19.47 19.19
N ALA A 804 -26.80 20.77 19.13
CA ALA A 804 -26.96 21.68 20.28
C ALA A 804 -27.74 20.97 21.40
N GLU A 805 -28.81 20.26 21.07
CA GLU A 805 -29.68 19.54 22.03
C GLU A 805 -28.93 18.36 22.66
N LYS A 806 -28.00 17.74 21.94
CA LYS A 806 -27.18 16.63 22.48
C LYS A 806 -26.11 17.23 23.40
N GLU A 807 -25.62 18.43 23.07
CA GLU A 807 -24.61 19.15 23.87
C GLU A 807 -25.23 19.63 25.19
N LYS A 808 -26.25 20.49 25.15
CA LYS A 808 -27.10 20.84 26.32
C LYS A 808 -27.22 19.62 27.24
N GLU A 809 -27.67 18.48 26.69
CA GLU A 809 -27.91 17.20 27.41
C GLU A 809 -26.60 16.71 28.04
N LEU A 810 -25.49 16.75 27.29
CA LEU A 810 -24.15 16.30 27.76
C LEU A 810 -23.67 17.26 28.85
N SER A 811 -23.75 18.55 28.56
CA SER A 811 -23.40 19.67 29.47
C SER A 811 -23.98 19.40 30.87
N LEU A 812 -25.31 19.27 30.96
CA LEU A 812 -26.02 19.07 32.25
C LEU A 812 -25.49 17.82 32.95
N ALA A 813 -25.62 16.65 32.31
CA ALA A 813 -25.21 15.36 32.90
C ALA A 813 -23.73 15.43 33.30
N LYS A 814 -22.95 16.34 32.70
CA LYS A 814 -21.56 16.68 33.13
C LYS A 814 -21.60 17.40 34.48
N GLU A 815 -22.31 18.54 34.56
CA GLU A 815 -22.51 19.35 35.79
C GLU A 815 -22.81 18.42 36.96
N LYS A 816 -23.81 17.54 36.79
CA LYS A 816 -24.31 16.59 37.83
C LYS A 816 -23.20 15.65 38.32
N GLU A 817 -22.28 15.25 37.45
CA GLU A 817 -21.15 14.35 37.80
C GLU A 817 -20.13 15.16 38.61
N ILE A 818 -19.79 16.37 38.18
CA ILE A 818 -18.79 17.23 38.89
C ILE A 818 -19.31 17.49 40.32
N LYS A 819 -20.62 17.78 40.45
CA LYS A 819 -21.28 18.13 41.73
C LYS A 819 -21.32 16.88 42.62
N LYS A 820 -21.61 15.70 42.08
CA LYS A 820 -21.64 14.47 42.91
C LYS A 820 -20.20 14.19 43.35
N LYS A 821 -19.22 14.48 42.48
CA LYS A 821 -17.77 14.22 42.73
C LYS A 821 -17.28 15.16 43.84
N LEU A 822 -17.82 16.39 43.88
CA LEU A 822 -17.45 17.47 44.85
C LEU A 822 -17.96 17.14 46.25
N GLU A 823 -18.93 16.22 46.40
CA GLU A 823 -19.50 15.81 47.71
C GLU A 823 -18.63 14.74 48.38
N ASN A 824 -17.51 14.36 47.76
CA ASN A 824 -16.54 13.41 48.37
C ASN A 824 -15.91 14.11 49.57
N LYS A 825 -16.25 13.66 50.78
CA LYS A 825 -15.79 14.27 52.06
C LYS A 825 -14.31 14.65 51.91
N ASP A 826 -13.45 13.65 51.71
CA ASP A 826 -11.97 13.81 51.70
C ASP A 826 -11.53 13.88 50.23
N LEU A 827 -11.43 15.09 49.71
CA LEU A 827 -10.95 15.37 48.34
C LEU A 827 -9.81 16.37 48.47
N LYS A 828 -8.64 16.10 47.89
CA LYS A 828 -7.49 17.05 47.96
C LYS A 828 -7.94 18.41 47.44
N ASP A 829 -7.45 19.50 48.03
CA ASP A 829 -7.89 20.88 47.66
C ASP A 829 -7.54 21.21 46.22
N GLU A 830 -6.40 20.74 45.72
CA GLU A 830 -5.97 20.98 44.31
C GLU A 830 -6.98 20.30 43.38
N GLU A 831 -7.30 19.02 43.63
CA GLU A 831 -8.35 18.25 42.91
C GLU A 831 -9.62 19.11 42.85
N ARG A 832 -10.11 19.55 44.01
CA ARG A 832 -11.38 20.32 44.18
C ARG A 832 -11.29 21.69 43.50
N LYS A 833 -10.14 22.35 43.55
CA LYS A 833 -9.90 23.69 42.94
C LYS A 833 -10.08 23.58 41.42
N LYS A 834 -9.69 22.42 40.86
CA LYS A 834 -9.86 22.06 39.42
C LYS A 834 -11.37 21.91 39.13
N LEU A 835 -12.05 20.95 39.76
CA LEU A 835 -13.49 20.67 39.57
C LEU A 835 -14.33 21.93 39.73
N GLU A 836 -14.00 22.76 40.72
CA GLU A 836 -14.77 23.99 41.07
C GLU A 836 -14.64 25.00 39.93
N GLU A 837 -13.44 25.09 39.36
CA GLU A 837 -13.09 26.10 38.32
C GLU A 837 -13.68 25.66 36.97
N GLU A 838 -14.02 24.37 36.80
CA GLU A 838 -14.79 23.91 35.62
C GLU A 838 -16.19 24.52 35.64
N LEU A 839 -16.94 24.20 36.69
CA LEU A 839 -18.34 24.64 36.92
C LEU A 839 -18.52 26.16 36.75
N GLU A 840 -17.49 26.97 37.02
CA GLU A 840 -17.59 28.45 36.92
C GLU A 840 -17.57 28.89 35.44
N ASP A 841 -16.53 28.51 34.70
CA ASP A 841 -16.22 29.00 33.32
C ASP A 841 -16.60 27.95 32.24
N GLY A 842 -16.70 26.67 32.60
CA GLY A 842 -16.89 25.55 31.66
C GLY A 842 -18.35 25.12 31.57
N VAL A 843 -18.62 23.82 31.78
CA VAL A 843 -19.94 23.10 31.59
C VAL A 843 -20.49 23.39 30.19
N LYS A 844 -19.61 23.59 29.21
CA LYS A 844 -20.01 23.76 27.78
C LYS A 844 -19.40 22.59 27.00
N VAL A 845 -20.01 21.40 27.12
CA VAL A 845 -19.60 20.19 26.35
C VAL A 845 -19.89 20.46 24.87
N ARG A 846 -18.96 20.07 24.01
CA ARG A 846 -19.06 20.24 22.54
C ARG A 846 -18.77 18.90 21.86
N LEU A 847 -19.44 18.66 20.72
CA LEU A 847 -19.18 17.49 19.83
C LEU A 847 -17.92 17.74 18.99
N GLU A 848 -17.36 16.66 18.45
CA GLU A 848 -16.00 16.63 17.89
C GLU A 848 -15.87 17.65 16.74
N ASP A 849 -16.90 17.88 15.92
CA ASP A 849 -16.80 18.62 14.63
C ASP A 849 -15.88 17.84 13.68
N THR A 850 -16.32 16.64 13.29
CA THR A 850 -15.67 15.73 12.30
C THR A 850 -16.61 15.64 11.09
N ASP A 851 -16.17 15.00 10.01
CA ASP A 851 -17.11 14.46 8.99
C ASP A 851 -18.01 13.44 9.69
N LYS A 852 -17.41 12.48 10.41
CA LYS A 852 -18.16 11.41 11.12
C LYS A 852 -19.34 12.01 11.89
N VAL A 853 -19.10 13.00 12.74
CA VAL A 853 -20.10 13.58 13.70
C VAL A 853 -21.10 14.48 12.95
N ASN A 854 -20.60 15.50 12.23
CA ASN A 854 -21.46 16.52 11.57
C ASN A 854 -22.35 15.86 10.51
N SER A 855 -21.90 14.78 9.88
CA SER A 855 -22.63 14.04 8.83
C SER A 855 -23.55 12.97 9.46
N SER A 856 -23.16 12.41 10.60
CA SER A 856 -24.02 11.57 11.45
C SER A 856 -25.34 12.28 11.79
N TYR A 857 -25.28 13.58 12.06
CA TYR A 857 -26.44 14.41 12.50
C TYR A 857 -27.24 14.87 11.28
N LEU A 858 -26.59 15.18 10.16
CA LEU A 858 -27.29 15.63 8.91
C LEU A 858 -28.18 14.48 8.40
N ARG A 859 -27.64 13.26 8.30
CA ARG A 859 -28.39 12.06 7.89
C ARG A 859 -29.60 11.93 8.82
N LYS A 860 -29.41 12.26 10.10
CA LYS A 860 -30.45 12.17 11.14
C LYS A 860 -31.56 13.16 10.79
N ALA A 861 -31.16 14.37 10.41
CA ALA A 861 -32.11 15.47 10.10
C ALA A 861 -32.92 15.09 8.87
N ILE A 862 -32.25 14.43 7.91
CA ILE A 862 -32.80 14.00 6.58
C ILE A 862 -33.96 13.03 6.85
N LYS A 863 -33.68 11.99 7.61
CA LYS A 863 -34.69 10.96 7.96
C LYS A 863 -35.89 11.57 8.70
N GLU A 864 -35.72 12.70 9.39
CA GLU A 864 -36.85 13.34 10.09
C GLU A 864 -37.73 14.09 9.08
N LEU A 865 -37.13 14.82 8.14
CA LEU A 865 -37.82 15.65 7.12
C LEU A 865 -38.25 14.79 5.90
N ASN A 866 -37.80 13.54 5.85
CA ASN A 866 -38.33 12.51 4.93
C ASN A 866 -38.46 11.24 5.76
N PRO A 867 -39.62 11.08 6.44
CA PRO A 867 -39.79 9.99 7.40
C PRO A 867 -39.80 8.60 6.75
N LYS A 868 -39.85 8.52 5.42
CA LYS A 868 -39.99 7.26 4.66
C LYS A 868 -38.61 6.77 4.16
N ILE A 869 -37.67 7.67 3.88
CA ILE A 869 -36.39 7.34 3.20
C ILE A 869 -35.60 6.32 4.03
N THR A 870 -34.89 5.43 3.34
CA THR A 870 -34.10 4.33 3.95
C THR A 870 -32.61 4.71 3.94
N ASP A 871 -31.79 3.98 4.69
CA ASP A 871 -30.31 4.21 4.67
C ASP A 871 -29.83 3.84 3.27
N ASP A 872 -30.40 2.76 2.70
CA ASP A 872 -30.02 2.23 1.36
C ASP A 872 -30.23 3.33 0.33
N GLN A 873 -31.43 3.91 0.33
CA GLN A 873 -31.81 5.04 -0.54
C GLN A 873 -30.87 6.23 -0.31
N ILE A 874 -30.43 6.48 0.91
CA ILE A 874 -29.56 7.65 1.19
C ILE A 874 -28.19 7.35 0.59
N ASP A 875 -27.78 6.07 0.67
CA ASP A 875 -26.45 5.57 0.29
C ASP A 875 -26.46 5.04 -1.14
N ARG A 876 -27.59 5.22 -1.81
CA ARG A 876 -27.89 4.75 -3.20
C ARG A 876 -26.76 5.08 -4.19
N PHE A 877 -26.09 6.23 -4.05
CA PHE A 877 -25.13 6.72 -5.08
C PHE A 877 -23.72 6.18 -4.86
N LYS A 878 -23.48 5.42 -3.80
CA LYS A 878 -22.12 4.97 -3.44
C LYS A 878 -21.78 3.64 -4.13
N GLN A 879 -20.49 3.36 -4.31
CA GLN A 879 -19.95 2.13 -4.95
C GLN A 879 -20.17 0.94 -4.02
N ASP A 880 -20.30 -0.27 -4.56
CA ASP A 880 -20.63 -1.46 -3.73
C ASP A 880 -19.38 -2.02 -3.07
N TYR A 881 -19.49 -2.31 -1.77
CA TYR A 881 -18.46 -2.93 -0.91
C TYR A 881 -18.89 -4.36 -0.54
N GLY A 882 -17.91 -5.24 -0.34
CA GLY A 882 -18.04 -6.53 0.39
C GLY A 882 -18.05 -7.74 -0.52
N SER A 883 -17.64 -7.61 -1.80
CA SER A 883 -17.60 -8.71 -2.79
C SER A 883 -16.16 -8.95 -3.29
N PHE A 884 -15.87 -10.19 -3.66
CA PHE A 884 -14.56 -10.65 -4.20
C PHE A 884 -14.70 -12.02 -4.86
N THR A 885 -13.71 -12.42 -5.67
CA THR A 885 -13.51 -13.85 -6.04
C THR A 885 -12.05 -14.28 -5.87
N TRP A 886 -11.84 -15.33 -5.08
CA TRP A 886 -10.57 -16.11 -5.04
C TRP A 886 -10.62 -17.25 -6.06
N THR A 887 -9.50 -17.53 -6.72
CA THR A 887 -9.16 -18.86 -7.23
C THR A 887 -7.83 -19.24 -6.61
N VAL A 888 -7.77 -20.34 -5.87
CA VAL A 888 -6.48 -20.98 -5.47
C VAL A 888 -6.36 -22.34 -6.17
N ALA A 889 -5.16 -22.67 -6.65
CA ALA A 889 -4.94 -23.91 -7.42
C ALA A 889 -3.49 -24.38 -7.30
N PHE A 890 -3.23 -25.66 -7.57
CA PHE A 890 -1.86 -26.21 -7.73
C PHE A 890 -1.88 -27.36 -8.74
N ALA A 891 -0.72 -27.65 -9.33
CA ALA A 891 -0.60 -28.44 -10.57
C ALA A 891 0.86 -28.84 -10.82
N PRO A 892 1.12 -30.02 -11.44
CA PRO A 892 0.08 -30.95 -11.88
C PRO A 892 -0.35 -31.83 -10.69
N ALA A 893 -1.66 -31.87 -10.43
CA ALA A 893 -2.27 -32.22 -9.12
C ALA A 893 -1.62 -33.48 -8.54
N ASP A 894 -1.36 -34.48 -9.38
CA ASP A 894 -0.99 -35.85 -8.95
C ASP A 894 0.48 -35.89 -8.51
N ASP A 895 1.28 -34.88 -8.88
CA ASP A 895 2.71 -34.72 -8.47
C ASP A 895 3.07 -33.24 -8.56
N PRO A 896 2.56 -32.39 -7.63
CA PRO A 896 2.59 -30.93 -7.81
C PRO A 896 3.97 -30.28 -7.86
N GLU A 897 4.00 -29.09 -8.44
CA GLU A 897 5.21 -28.26 -8.67
C GLU A 897 4.95 -26.78 -8.30
N ILE A 898 3.78 -26.26 -8.72
CA ILE A 898 3.43 -24.82 -8.73
C ILE A 898 2.11 -24.65 -7.99
N ALA A 899 2.03 -23.62 -7.14
CA ALA A 899 0.74 -23.13 -6.59
C ALA A 899 0.46 -21.76 -7.19
N VAL A 900 -0.80 -21.45 -7.48
CA VAL A 900 -1.24 -20.11 -7.98
C VAL A 900 -2.42 -19.62 -7.11
N VAL A 901 -2.32 -18.40 -6.61
CA VAL A 901 -3.45 -17.74 -5.88
C VAL A 901 -3.80 -16.43 -6.59
N CYS A 902 -5.09 -16.21 -6.83
CA CYS A 902 -5.60 -15.01 -7.53
C CYS A 902 -6.83 -14.46 -6.80
N VAL A 903 -6.88 -13.14 -6.66
CA VAL A 903 -8.01 -12.42 -5.99
C VAL A 903 -8.37 -11.22 -6.86
N ILE A 904 -9.67 -11.06 -7.12
CA ILE A 904 -10.27 -9.83 -7.69
C ILE A 904 -11.22 -9.28 -6.64
N PRO A 905 -10.83 -8.27 -5.85
CA PRO A 905 -11.76 -7.59 -4.95
C PRO A 905 -12.81 -6.74 -5.70
N GLN A 906 -13.99 -6.59 -5.08
CA GLN A 906 -15.24 -5.99 -5.63
C GLN A 906 -15.78 -6.80 -6.83
N GLY A 907 -14.99 -7.73 -7.41
CA GLY A 907 -15.47 -8.73 -8.39
C GLY A 907 -16.44 -9.73 -7.77
N ASP A 908 -17.29 -10.37 -8.60
CA ASP A 908 -18.40 -11.29 -8.17
C ASP A 908 -18.43 -12.61 -8.95
N SER A 909 -17.93 -12.63 -10.19
CA SER A 909 -17.89 -13.87 -11.02
C SER A 909 -16.52 -14.55 -10.86
N SER A 910 -16.51 -15.83 -10.46
CA SER A 910 -15.26 -16.62 -10.27
C SER A 910 -14.53 -16.75 -11.60
N VAL A 911 -15.19 -16.49 -12.72
CA VAL A 911 -14.53 -16.40 -14.07
C VAL A 911 -13.35 -15.44 -13.96
N PHE A 912 -13.54 -14.31 -13.27
CA PHE A 912 -12.58 -13.17 -13.22
C PHE A 912 -11.23 -13.61 -12.63
N SER A 913 -11.23 -14.52 -11.66
CA SER A 913 -10.04 -15.03 -10.92
C SER A 913 -9.47 -16.28 -11.58
N LEU A 914 -10.34 -17.23 -11.99
CA LEU A 914 -10.00 -18.51 -12.67
C LEU A 914 -9.09 -18.29 -13.89
N LEU A 915 -9.46 -17.38 -14.80
CA LEU A 915 -8.81 -17.29 -16.14
C LEU A 915 -7.35 -16.84 -15.99
N PRO A 916 -7.03 -15.83 -15.15
CA PRO A 916 -5.65 -15.53 -14.80
C PRO A 916 -4.89 -16.76 -14.30
N THR A 917 -5.42 -17.40 -13.25
CA THR A 917 -4.86 -18.66 -12.70
C THR A 917 -4.57 -19.64 -13.85
N ARG A 918 -5.53 -19.83 -14.75
CA ARG A 918 -5.46 -20.84 -15.84
C ARG A 918 -4.34 -20.46 -16.85
N GLU A 919 -4.14 -19.18 -17.11
CA GLU A 919 -3.06 -18.70 -18.01
C GLU A 919 -1.71 -18.98 -17.34
N VAL A 920 -1.58 -18.54 -16.09
CA VAL A 920 -0.30 -18.63 -15.33
C VAL A 920 0.10 -20.10 -15.16
N ILE A 921 -0.86 -21.04 -15.03
CA ILE A 921 -0.56 -22.50 -14.90
C ILE A 921 -0.21 -23.04 -16.30
N GLY A 922 -1.07 -22.79 -17.27
CA GLY A 922 -0.79 -23.15 -18.67
C GLY A 922 0.63 -22.78 -19.04
N THR A 923 0.97 -21.49 -18.91
CA THR A 923 2.30 -20.94 -19.30
C THR A 923 3.42 -21.76 -18.65
N TYR A 924 3.35 -21.96 -17.33
CA TYR A 924 4.38 -22.67 -16.53
C TYR A 924 4.75 -24.01 -17.18
N MET A 925 3.73 -24.78 -17.60
CA MET A 925 3.88 -26.18 -18.11
C MET A 925 4.32 -26.22 -19.58
N GLY A 926 4.64 -25.04 -20.17
CA GLY A 926 5.24 -24.94 -21.52
C GLY A 926 4.21 -25.09 -22.64
N LEU A 927 2.91 -25.05 -22.33
CA LEU A 927 1.90 -25.08 -23.44
C LEU A 927 1.80 -23.65 -24.03
#